data_5JA3
#
_entry.id   5JA3
#
_cell.length_a   59.612
_cell.length_b   60.444
_cell.length_c   60.472
_cell.angle_alpha   90.07
_cell.angle_beta   90.06
_cell.angle_gamma   89.93
#
_symmetry.space_group_name_H-M   'P 1'
#
loop_
_entity.id
_entity.type
_entity.pdbx_description
1 polymer 'Dihydrofolate reductase'
2 non-polymer 'NADPH DIHYDRO-NICOTINAMIDE-ADENINE-DINUCLEOTIDE PHOSPHATE'
3 non-polymer '4-[3-[3-[2,4-bis(azanyl)-6-ethyl-pyrimidin-5-yl]prop-2-ynyl]-4-methoxy-phenyl]benzoic acid'
4 water water
#
_entity_poly.entity_id   1
_entity_poly.type   'polypeptide(L)'
_entity_poly.pdbx_seq_one_letter_code
;MVGLIWAQATSGVIGRGGDIPWRLPEDQAHFREITMGHTIVMGRRTWDSLPAKVRPLPGRRNVVLSRQADFMASGAEVVG
SLEEALTSPETWVIGGGQVYALALPYATRCEVTEVDIGLPREAGDALAPVLDETWRGETGEWRFSRSGLRYRLYSYHRS
;
_entity_poly.pdbx_strand_id   A,B,C,D
#
loop_
_chem_comp.id
_chem_comp.type
_chem_comp.name
_chem_comp.formula
NDP non-polymer 'NADPH DIHYDRO-NICOTINAMIDE-ADENINE-DINUCLEOTIDE PHOSPHATE' 'C21 H30 N7 O17 P3'
U06 non-polymer '4-[3-[3-[2,4-bis(azanyl)-6-ethyl-pyrimidin-5-yl]prop-2-ynyl]-4-methoxy-phenyl]benzoic acid' 'C23 H22 N4 O3'
#
# COMPACT_ATOMS: atom_id res chain seq x y z
N MET A 1 -24.74 2.52 27.91
CA MET A 1 -25.29 3.36 26.83
C MET A 1 -24.79 2.89 25.48
N VAL A 2 -25.68 2.43 24.61
CA VAL A 2 -25.28 2.16 23.23
C VAL A 2 -25.90 3.23 22.33
N GLY A 3 -25.06 3.87 21.55
CA GLY A 3 -25.54 4.85 20.60
C GLY A 3 -25.20 4.44 19.18
N LEU A 4 -26.00 4.89 18.24
CA LEU A 4 -25.73 4.73 16.82
C LEU A 4 -25.37 6.09 16.26
N ILE A 5 -24.37 6.15 15.38
CA ILE A 5 -24.07 7.40 14.68
C ILE A 5 -23.84 7.08 13.21
N TRP A 6 -24.55 7.78 12.34
CA TRP A 6 -24.41 7.57 10.90
C TRP A 6 -24.70 8.85 10.13
N ALA A 7 -24.31 8.85 8.85
CA ALA A 7 -24.64 9.92 7.92
C ALA A 7 -25.37 9.30 6.72
N GLN A 8 -26.49 9.90 6.33
CA GLN A 8 -27.31 9.35 5.26
C GLN A 8 -27.71 10.42 4.26
N ALA A 9 -27.84 10.03 3.01
CA ALA A 9 -28.56 10.89 2.07
C ALA A 9 -30.02 10.87 2.53
N THR A 10 -30.80 11.83 2.06
CA THR A 10 -32.20 11.92 2.46
C THR A 10 -32.94 10.61 2.21
N SER A 11 -32.56 9.94 1.12
CA SER A 11 -33.17 8.68 0.70
C SER A 11 -32.96 7.53 1.68
N GLY A 12 -31.95 7.66 2.54
CA GLY A 12 -31.62 6.58 3.47
C GLY A 12 -30.32 5.86 3.15
N VAL A 13 -29.76 6.13 1.96
CA VAL A 13 -28.53 5.50 1.51
C VAL A 13 -27.34 5.95 2.36
N ILE A 14 -26.58 5.00 2.89
CA ILE A 14 -25.41 5.35 3.67
C ILE A 14 -24.13 4.80 3.04
N GLY A 15 -24.28 3.83 2.16
CA GLY A 15 -23.10 3.24 1.54
C GLY A 15 -23.42 2.63 0.20
N ARG A 16 -22.44 2.64 -0.69
CA ARG A 16 -22.59 2.03 -2.00
C ARG A 16 -21.21 1.68 -2.55
N GLY A 17 -21.07 0.46 -3.07
CA GLY A 17 -19.82 0.00 -3.65
C GLY A 17 -18.64 0.06 -2.67
N GLY A 18 -18.93 -0.16 -1.40
CA GLY A 18 -17.88 -0.20 -0.39
C GLY A 18 -17.46 1.15 0.16
N ASP A 19 -18.20 2.21 -0.18
CA ASP A 19 -17.80 3.53 0.28
C ASP A 19 -19.00 4.48 0.51
N ILE A 20 -18.72 5.57 1.22
CA ILE A 20 -19.70 6.61 1.45
C ILE A 20 -19.74 7.53 0.23
N PRO A 21 -20.91 7.61 -0.43
CA PRO A 21 -21.02 8.23 -1.75
C PRO A 21 -21.13 9.76 -1.72
N TRP A 22 -20.38 10.40 -0.82
CA TRP A 22 -20.26 11.85 -0.75
C TRP A 22 -19.08 12.26 0.14
N ARG A 23 -18.66 13.51 0.03
CA ARG A 23 -17.59 14.05 0.88
C ARG A 23 -18.14 15.14 1.78
N LEU A 24 -17.93 14.99 3.08
CA LEU A 24 -18.43 15.99 4.03
C LEU A 24 -17.49 16.07 5.21
N PRO A 25 -16.44 16.90 5.10
CA PRO A 25 -15.44 17.05 6.18
C PRO A 25 -16.08 17.44 7.50
N GLU A 26 -17.12 18.25 7.43
CA GLU A 26 -17.78 18.76 8.64
C GLU A 26 -18.41 17.61 9.42
N ASP A 27 -18.90 16.61 8.70
CA ASP A 27 -19.47 15.41 9.31
C ASP A 27 -18.39 14.55 9.95
N GLN A 28 -17.24 14.47 9.30
CA GLN A 28 -16.09 13.76 9.85
C GLN A 28 -15.67 14.38 11.19
N ALA A 29 -15.66 15.70 11.23
CA ALA A 29 -15.36 16.40 12.48
C ALA A 29 -16.41 16.11 13.56
N HIS A 30 -17.67 16.07 13.15
CA HIS A 30 -18.80 15.80 14.05
C HIS A 30 -18.70 14.39 14.62
N PHE A 31 -18.50 13.43 13.74
CA PHE A 31 -18.24 12.03 14.10
C PHE A 31 -17.05 11.91 15.06
N ARG A 32 -15.96 12.58 14.75
CA ARG A 32 -14.77 12.54 15.61
C ARG A 32 -15.06 13.04 17.02
N GLU A 33 -15.77 14.15 17.14
CA GLU A 33 -16.04 14.75 18.44
C GLU A 33 -16.95 13.87 19.30
N ILE A 34 -17.92 13.21 18.68
CA ILE A 34 -18.80 12.35 19.45
C ILE A 34 -18.07 11.08 19.91
N THR A 35 -17.30 10.47 19.02
CA THR A 35 -16.75 9.14 19.28
C THR A 35 -15.40 9.13 19.99
N MET A 36 -14.67 10.25 19.95
CA MET A 36 -13.31 10.27 20.51
C MET A 36 -13.26 9.82 21.96
N GLY A 37 -12.30 8.96 22.28
CA GLY A 37 -12.10 8.50 23.64
C GLY A 37 -13.09 7.44 24.10
N HIS A 38 -13.83 6.89 23.15
CA HIS A 38 -14.81 5.86 23.48
C HIS A 38 -14.58 4.58 22.72
N THR A 39 -15.36 3.57 23.08
CA THR A 39 -15.38 2.32 22.34
C THR A 39 -16.26 2.52 21.11
N ILE A 40 -15.74 2.13 19.96
CA ILE A 40 -16.55 2.09 18.74
C ILE A 40 -16.69 0.66 18.23
N VAL A 41 -17.84 0.35 17.67
CA VAL A 41 -18.15 -0.99 17.19
C VAL A 41 -18.54 -0.92 15.73
N MET A 42 -17.97 -1.80 14.91
CA MET A 42 -18.27 -1.75 13.48
C MET A 42 -18.28 -3.13 12.87
N GLY A 43 -19.09 -3.31 11.84
CA GLY A 43 -19.06 -4.55 11.08
C GLY A 43 -17.78 -4.65 10.30
N ARG A 44 -17.45 -5.87 9.89
CA ARG A 44 -16.21 -6.13 9.19
C ARG A 44 -16.09 -5.36 7.87
N ARG A 45 -17.20 -5.13 7.17
CA ARG A 45 -17.13 -4.39 5.90
C ARG A 45 -16.81 -2.93 6.14
N THR A 46 -17.27 -2.39 7.25
CA THR A 46 -16.98 -1.01 7.59
C THR A 46 -15.49 -0.88 7.92
N TRP A 47 -14.96 -1.84 8.67
CA TRP A 47 -13.52 -1.92 8.93
C TRP A 47 -12.70 -1.86 7.64
N ASP A 48 -13.05 -2.70 6.68
CA ASP A 48 -12.38 -2.75 5.37
C ASP A 48 -12.44 -1.39 4.67
N SER A 49 -13.56 -0.71 4.79
CA SER A 49 -13.78 0.54 4.08
C SER A 49 -13.08 1.72 4.73
N LEU A 50 -12.53 1.56 5.93
CA LEU A 50 -11.80 2.67 6.54
C LEU A 50 -10.57 3.00 5.69
N PRO A 51 -10.32 4.29 5.43
CA PRO A 51 -9.04 4.65 4.82
C PRO A 51 -7.91 4.04 5.65
N ALA A 52 -6.92 3.44 4.99
CA ALA A 52 -5.85 2.75 5.70
C ALA A 52 -5.15 3.63 6.76
N LYS A 53 -5.07 4.93 6.52
CA LYS A 53 -4.35 5.78 7.46
C LYS A 53 -5.06 5.96 8.80
N VAL A 54 -6.37 5.71 8.83
CA VAL A 54 -7.11 5.80 10.07
C VAL A 54 -7.73 4.44 10.41
N ARG A 55 -7.00 3.38 10.13
CA ARG A 55 -7.45 2.04 10.45
C ARG A 55 -6.41 1.34 11.31
N PRO A 56 -6.67 1.22 12.62
CA PRO A 56 -7.89 1.57 13.37
C PRO A 56 -8.05 3.07 13.57
N LEU A 57 -9.27 3.52 13.85
CA LEU A 57 -9.47 4.93 14.14
C LEU A 57 -8.76 5.32 15.45
N PRO A 58 -7.94 6.39 15.40
CA PRO A 58 -7.13 6.79 16.56
C PRO A 58 -7.94 7.28 17.74
N GLY A 59 -7.48 6.98 18.96
CA GLY A 59 -8.06 7.54 20.17
C GLY A 59 -9.36 6.87 20.57
N ARG A 60 -9.67 5.78 19.90
CA ARG A 60 -10.88 5.02 20.18
C ARG A 60 -10.55 3.53 20.26
N ARG A 61 -11.25 2.80 21.12
CA ARG A 61 -11.11 1.34 21.16
C ARG A 61 -11.95 0.78 20.02
N ASN A 62 -11.28 0.31 18.96
CA ASN A 62 -11.95 -0.20 17.77
C ASN A 62 -12.37 -1.65 17.99
N VAL A 63 -13.66 -1.93 17.79
CA VAL A 63 -14.18 -3.28 17.95
C VAL A 63 -14.84 -3.68 16.64
N VAL A 64 -14.42 -4.82 16.08
CA VAL A 64 -14.89 -5.28 14.78
C VAL A 64 -15.64 -6.59 14.92
N LEU A 65 -16.88 -6.60 14.44
CA LEU A 65 -17.71 -7.80 14.41
C LEU A 65 -17.45 -8.61 13.15
N SER A 66 -17.13 -9.89 13.31
CA SER A 66 -17.03 -10.80 12.16
C SER A 66 -17.53 -12.19 12.53
N ARG A 67 -18.20 -12.84 11.58
CA ARG A 67 -18.60 -14.25 11.72
C ARG A 67 -17.44 -15.17 11.34
N GLN A 68 -16.24 -14.60 11.22
CA GLN A 68 -15.01 -15.35 10.99
C GLN A 68 -14.12 -15.36 12.24
N ALA A 69 -13.97 -16.54 12.84
CA ALA A 69 -13.10 -16.71 13.99
C ALA A 69 -11.67 -16.35 13.62
N ASP A 70 -11.34 -16.59 12.37
CA ASP A 70 -10.01 -16.35 11.82
C ASP A 70 -9.66 -14.86 11.69
N PHE A 71 -10.67 -14.01 11.52
CA PHE A 71 -10.46 -12.67 10.97
C PHE A 71 -9.48 -11.82 11.76
N MET A 72 -8.61 -11.13 11.01
CA MET A 72 -7.55 -10.35 11.60
C MET A 72 -7.72 -8.86 11.31
N ALA A 73 -7.67 -8.06 12.37
CA ALA A 73 -7.87 -6.64 12.27
C ALA A 73 -6.82 -5.99 13.16
N SER A 74 -5.66 -5.72 12.59
CA SER A 74 -4.54 -5.22 13.37
C SER A 74 -4.92 -3.92 14.07
N GLY A 75 -4.77 -3.90 15.39
CA GLY A 75 -5.04 -2.69 16.15
C GLY A 75 -6.49 -2.58 16.58
N ALA A 76 -7.28 -3.59 16.25
CA ALA A 76 -8.67 -3.66 16.70
C ALA A 76 -8.97 -4.94 17.46
N GLU A 77 -10.08 -4.92 18.17
CA GLU A 77 -10.56 -6.10 18.86
C GLU A 77 -11.61 -6.81 17.98
N VAL A 78 -11.29 -8.00 17.49
CA VAL A 78 -12.29 -8.76 16.72
C VAL A 78 -13.17 -9.62 17.64
N VAL A 79 -14.49 -9.51 17.49
CA VAL A 79 -15.40 -10.33 18.28
C VAL A 79 -16.44 -10.99 17.37
N GLY A 80 -17.02 -12.09 17.84
CA GLY A 80 -17.89 -12.89 17.00
C GLY A 80 -19.38 -12.72 17.20
N SER A 81 -19.76 -11.86 18.15
CA SER A 81 -21.16 -11.70 18.50
C SER A 81 -21.49 -10.31 19.03
N LEU A 82 -22.77 -9.95 18.96
CA LEU A 82 -23.21 -8.68 19.47
C LEU A 82 -22.97 -8.56 20.97
N GLU A 83 -23.20 -9.64 21.70
CA GLU A 83 -23.06 -9.61 23.14
C GLU A 83 -21.61 -9.30 23.51
N GLU A 84 -20.66 -9.85 22.76
CA GLU A 84 -19.25 -9.56 23.00
C GLU A 84 -18.86 -8.11 22.66
N ALA A 85 -19.56 -7.51 21.71
CA ALA A 85 -19.19 -6.19 21.19
C ALA A 85 -19.74 -5.01 21.97
N LEU A 86 -20.90 -5.18 22.61
CA LEU A 86 -21.60 -4.04 23.18
C LEU A 86 -21.54 -3.95 24.70
N THR A 87 -20.38 -4.27 25.29
CA THR A 87 -20.28 -4.31 26.76
C THR A 87 -19.68 -3.06 27.39
N SER A 88 -19.18 -2.13 26.58
CA SER A 88 -18.69 -0.87 27.16
C SER A 88 -19.87 0.06 27.48
N PRO A 89 -19.81 0.72 28.65
CA PRO A 89 -20.81 1.66 29.17
C PRO A 89 -21.08 2.84 28.23
N GLU A 90 -20.06 3.30 27.51
CA GLU A 90 -20.29 4.24 26.41
C GLU A 90 -19.84 3.55 25.11
N THR A 91 -20.81 3.07 24.33
CA THR A 91 -20.48 2.42 23.07
C THR A 91 -21.10 3.15 21.90
N TRP A 92 -20.29 3.47 20.90
CA TRP A 92 -20.86 4.04 19.67
C TRP A 92 -20.73 3.06 18.51
N VAL A 93 -21.88 2.67 17.97
CA VAL A 93 -21.91 1.81 16.80
C VAL A 93 -21.80 2.67 15.54
N ILE A 94 -20.77 2.42 14.73
CA ILE A 94 -20.41 3.39 13.69
C ILE A 94 -20.65 2.82 12.32
N GLY A 95 -21.21 1.63 12.23
CA GLY A 95 -20.98 1.04 10.96
C GLY A 95 -21.87 0.06 10.28
N GLY A 96 -22.23 0.42 9.07
CA GLY A 96 -22.73 -0.55 8.17
C GLY A 96 -24.18 -0.80 8.44
N GLY A 97 -24.92 -0.87 7.34
CA GLY A 97 -26.33 -1.18 7.41
C GLY A 97 -26.63 -2.37 8.30
N GLN A 98 -25.92 -3.48 8.16
CA GLN A 98 -26.43 -4.62 8.89
C GLN A 98 -26.08 -4.55 10.36
N VAL A 99 -24.95 -3.95 10.73
CA VAL A 99 -24.69 -3.86 12.17
C VAL A 99 -25.60 -2.79 12.79
N TYR A 100 -25.94 -1.73 12.04
CA TYR A 100 -26.95 -0.78 12.52
C TYR A 100 -28.25 -1.49 12.85
N ALA A 101 -28.73 -2.30 11.92
CA ALA A 101 -30.03 -2.94 12.10
C ALA A 101 -30.02 -3.91 13.27
N LEU A 102 -28.91 -4.60 13.44
CA LEU A 102 -28.79 -5.60 14.48
C LEU A 102 -28.59 -4.98 15.87
N ALA A 103 -27.92 -3.84 15.95
CA ALA A 103 -27.61 -3.25 17.23
C ALA A 103 -28.70 -2.29 17.70
N LEU A 104 -29.53 -1.81 16.78
CA LEU A 104 -30.52 -0.76 17.13
C LEU A 104 -31.37 -1.08 18.38
N PRO A 105 -31.82 -2.35 18.55
CA PRO A 105 -32.60 -2.67 19.77
C PRO A 105 -31.84 -2.42 21.08
N TYR A 106 -30.52 -2.45 21.01
CA TYR A 106 -29.68 -2.18 22.19
C TYR A 106 -29.43 -0.69 22.43
N ALA A 107 -29.86 0.14 21.50
CA ALA A 107 -29.46 1.54 21.48
C ALA A 107 -30.50 2.47 22.09
N THR A 108 -30.02 3.52 22.76
CA THR A 108 -30.89 4.53 23.34
C THR A 108 -30.53 5.94 22.86
N ARG A 109 -29.53 6.03 21.98
CA ARG A 109 -29.21 7.30 21.33
C ARG A 109 -28.90 7.08 19.85
N CYS A 110 -29.33 8.02 19.00
CA CYS A 110 -28.85 8.06 17.63
C CYS A 110 -28.41 9.48 17.31
N GLU A 111 -27.26 9.59 16.66
CA GLU A 111 -26.78 10.89 16.17
C GLU A 111 -26.68 10.79 14.66
N VAL A 112 -27.50 11.57 13.97
CA VAL A 112 -27.70 11.39 12.56
C VAL A 112 -27.37 12.65 11.78
N THR A 113 -26.58 12.48 10.73
CA THR A 113 -26.32 13.55 9.78
C THR A 113 -27.12 13.27 8.52
N GLU A 114 -27.94 14.23 8.10
CA GLU A 114 -28.68 14.07 6.86
C GLU A 114 -28.03 14.92 5.78
N VAL A 115 -27.78 14.32 4.62
CA VAL A 115 -27.16 15.02 3.52
C VAL A 115 -28.20 15.26 2.44
N ASP A 116 -28.44 16.53 2.13
CA ASP A 116 -29.48 16.89 1.17
C ASP A 116 -28.96 16.72 -0.25
N ILE A 117 -28.84 15.48 -0.71
CA ILE A 117 -28.55 15.21 -2.11
C ILE A 117 -29.49 14.17 -2.68
N GLY A 118 -29.78 14.30 -3.97
CA GLY A 118 -30.62 13.34 -4.64
C GLY A 118 -29.83 12.07 -4.90
N LEU A 119 -30.16 11.02 -4.15
CA LEU A 119 -29.41 9.77 -4.29
C LEU A 119 -30.34 8.57 -4.09
N PRO A 120 -31.14 8.25 -5.12
CA PRO A 120 -32.12 7.15 -5.02
C PRO A 120 -31.49 5.80 -4.64
N ARG A 121 -32.21 5.04 -3.81
CA ARG A 121 -31.77 3.71 -3.40
C ARG A 121 -31.58 2.81 -4.62
N GLU A 122 -30.47 2.07 -4.61
CA GLU A 122 -30.20 1.05 -5.60
C GLU A 122 -30.03 -0.29 -4.89
N ALA A 123 -30.37 -1.39 -5.56
CA ALA A 123 -30.29 -2.70 -4.92
C ALA A 123 -28.87 -2.97 -4.41
N GLY A 124 -28.77 -3.44 -3.18
CA GLY A 124 -27.48 -3.75 -2.60
C GLY A 124 -26.84 -2.59 -1.85
N ASP A 125 -27.47 -1.42 -1.89
CA ASP A 125 -27.01 -0.30 -1.08
C ASP A 125 -27.03 -0.65 0.39
N ALA A 126 -26.15 -0.05 1.17
CA ALA A 126 -26.28 -0.08 2.61
C ALA A 126 -27.18 1.09 3.02
N LEU A 127 -28.11 0.82 3.93
CA LEU A 127 -29.13 1.79 4.29
C LEU A 127 -29.17 2.11 5.77
N ALA A 128 -29.65 3.31 6.09
CA ALA A 128 -29.84 3.70 7.48
C ALA A 128 -31.03 2.96 8.09
N PRO A 129 -30.93 2.62 9.37
CA PRO A 129 -32.05 2.00 10.08
C PRO A 129 -33.25 2.94 10.10
N VAL A 130 -34.43 2.34 10.13
CA VAL A 130 -35.69 3.08 10.23
C VAL A 130 -36.02 3.29 11.70
N LEU A 131 -36.28 4.53 12.09
CA LEU A 131 -36.60 4.83 13.49
C LEU A 131 -38.12 4.94 13.70
N ASP A 132 -38.65 4.15 14.63
CA ASP A 132 -40.09 4.17 14.94
C ASP A 132 -40.41 5.16 16.06
N GLU A 133 -41.63 5.08 16.59
CA GLU A 133 -42.10 6.12 17.51
C GLU A 133 -41.62 5.93 18.95
N THR A 134 -40.79 4.91 19.20
CA THR A 134 -40.20 4.81 20.54
C THR A 134 -39.22 5.94 20.80
N TRP A 135 -38.72 6.55 19.73
CA TRP A 135 -37.71 7.60 19.80
C TRP A 135 -38.31 8.99 19.90
N ARG A 136 -37.65 9.87 20.64
CA ARG A 136 -37.90 11.31 20.57
C ARG A 136 -36.71 11.97 19.89
N GLY A 137 -36.94 13.04 19.14
CA GLY A 137 -35.86 13.62 18.38
C GLY A 137 -35.84 15.14 18.35
N GLU A 138 -34.65 15.69 18.15
CA GLU A 138 -34.46 17.12 17.94
C GLU A 138 -33.79 17.32 16.58
N THR A 139 -34.27 18.29 15.81
CA THR A 139 -33.68 18.58 14.50
C THR A 139 -32.81 19.82 14.56
N GLY A 140 -31.62 19.74 13.97
CA GLY A 140 -30.74 20.89 13.87
C GLY A 140 -31.08 21.71 12.65
N GLU A 141 -30.58 22.95 12.61
CA GLU A 141 -30.82 23.83 11.48
C GLU A 141 -29.97 23.43 10.29
N TRP A 142 -30.54 23.55 9.09
CA TRP A 142 -29.85 23.23 7.84
C TRP A 142 -28.59 24.06 7.70
N ARG A 143 -27.52 23.45 7.23
CA ARG A 143 -26.28 24.16 7.02
C ARG A 143 -25.74 23.84 5.65
N PHE A 144 -24.95 24.76 5.09
CA PHE A 144 -24.23 24.50 3.87
C PHE A 144 -22.80 24.12 4.22
N SER A 145 -22.29 23.06 3.60
CA SER A 145 -20.92 22.66 3.82
C SER A 145 -19.96 23.69 3.22
N ARG A 146 -18.70 23.62 3.65
CA ARG A 146 -17.63 24.48 3.13
C ARG A 146 -17.39 24.19 1.65
N SER A 147 -17.77 23.00 1.24
CA SER A 147 -17.74 22.60 -0.15
C SER A 147 -18.97 23.08 -0.89
N GLY A 148 -20.09 23.13 -0.18
CA GLY A 148 -21.38 23.46 -0.79
C GLY A 148 -22.46 22.42 -0.61
N LEU A 149 -22.22 21.44 0.26
CA LEU A 149 -23.22 20.44 0.59
C LEU A 149 -24.18 20.95 1.65
N ARG A 150 -25.48 20.70 1.45
CA ARG A 150 -26.48 21.04 2.44
C ARG A 150 -26.69 19.85 3.37
N TYR A 151 -26.47 20.05 4.65
CA TYR A 151 -26.59 18.94 5.63
C TYR A 151 -27.19 19.46 6.94
N ARG A 152 -27.73 18.56 7.76
CA ARG A 152 -28.12 18.96 9.11
C ARG A 152 -28.01 17.76 10.05
N LEU A 153 -28.00 18.05 11.35
CA LEU A 153 -27.82 17.05 12.39
C LEU A 153 -29.15 16.74 13.08
N TYR A 154 -29.32 15.48 13.49
CA TYR A 154 -30.47 15.06 14.28
C TYR A 154 -29.94 14.41 15.54
N SER A 155 -30.66 14.56 16.64
CA SER A 155 -30.30 13.83 17.84
C SER A 155 -31.54 13.12 18.34
N TYR A 156 -31.46 11.80 18.45
CA TYR A 156 -32.58 10.97 18.86
C TYR A 156 -32.27 10.29 20.17
N HIS A 157 -33.28 10.14 21.02
CA HIS A 157 -33.11 9.45 22.27
C HIS A 157 -34.37 8.68 22.68
N ARG A 158 -34.15 7.63 23.46
CA ARG A 158 -35.24 6.94 24.14
C ARG A 158 -34.62 6.41 25.44
N SER A 159 -35.45 6.07 26.43
CA SER A 159 -34.90 5.66 27.72
C SER A 159 -35.37 4.29 28.13
N MET B 1 -11.50 -10.84 31.05
CA MET B 1 -10.57 -9.78 31.42
C MET B 1 -9.19 -10.05 30.88
N VAL B 2 -8.75 -9.23 29.93
CA VAL B 2 -7.37 -9.28 29.47
C VAL B 2 -6.64 -8.08 30.03
N GLY B 3 -5.52 -8.31 30.68
CA GLY B 3 -4.68 -7.22 31.14
C GLY B 3 -3.29 -7.27 30.54
N LEU B 4 -2.65 -6.09 30.43
CA LEU B 4 -1.24 -6.01 30.08
C LEU B 4 -0.46 -5.62 31.31
N ILE B 5 0.74 -6.19 31.48
CA ILE B 5 1.64 -5.77 32.53
C ILE B 5 3.03 -5.58 31.94
N TRP B 6 3.63 -4.43 32.19
CA TRP B 6 4.97 -4.18 31.69
C TRP B 6 5.71 -3.20 32.60
N ALA B 7 7.02 -3.17 32.45
CA ALA B 7 7.89 -2.19 33.08
C ALA B 7 8.64 -1.43 31.97
N GLN B 8 8.63 -0.10 32.05
CA GLN B 8 9.32 0.71 31.05
C GLN B 8 10.19 1.78 31.70
N ALA B 9 11.28 2.11 31.01
CA ALA B 9 11.94 3.39 31.24
C ALA B 9 10.94 4.51 30.92
N THR B 10 11.18 5.71 31.43
CA THR B 10 10.32 6.84 31.13
C THR B 10 10.17 7.05 29.62
N SER B 11 11.24 6.78 28.88
CA SER B 11 11.27 6.93 27.42
C SER B 11 10.29 6.01 26.70
N GLY B 12 9.93 4.91 27.34
CA GLY B 12 9.00 3.96 26.73
C GLY B 12 9.67 2.66 26.34
N VAL B 13 10.99 2.63 26.45
CA VAL B 13 11.76 1.44 26.15
C VAL B 13 11.48 0.34 27.17
N ILE B 14 11.17 -0.86 26.68
CA ILE B 14 10.98 -2.00 27.58
C ILE B 14 11.99 -3.13 27.31
N GLY B 15 12.63 -3.13 26.15
CA GLY B 15 13.60 -4.16 25.85
C GLY B 15 14.63 -3.71 24.85
N ARG B 16 15.82 -4.32 24.93
CA ARG B 16 16.91 -4.01 24.01
C ARG B 16 17.86 -5.19 23.97
N GLY B 17 18.20 -5.65 22.77
CA GLY B 17 19.10 -6.78 22.61
C GLY B 17 18.59 -8.03 23.31
N GLY B 18 17.28 -8.24 23.26
CA GLY B 18 16.67 -9.42 23.85
C GLY B 18 16.61 -9.43 25.38
N ASP B 19 16.91 -8.32 26.03
CA ASP B 19 16.87 -8.29 27.50
C ASP B 19 16.26 -6.99 28.03
N ILE B 20 15.81 -7.04 29.28
CA ILE B 20 15.34 -5.84 29.98
C ILE B 20 16.56 -5.07 30.48
N PRO B 21 16.73 -3.82 30.03
CA PRO B 21 17.97 -3.07 30.26
C PRO B 21 18.09 -2.43 31.67
N TRP B 22 17.63 -3.13 32.69
CA TRP B 22 17.76 -2.68 34.08
C TRP B 22 17.44 -3.83 35.03
N ARG B 23 17.94 -3.75 36.26
CA ARG B 23 17.62 -4.76 37.26
C ARG B 23 16.77 -4.18 38.37
N LEU B 24 15.61 -4.78 38.61
CA LEU B 24 14.67 -4.25 39.57
C LEU B 24 13.85 -5.38 40.22
N PRO B 25 14.40 -5.97 41.30
CA PRO B 25 13.74 -7.11 41.93
C PRO B 25 12.37 -6.74 42.48
N GLU B 26 12.20 -5.48 42.88
CA GLU B 26 10.90 -5.05 43.41
C GLU B 26 9.83 -5.16 42.34
N ASP B 27 10.22 -4.92 41.10
CA ASP B 27 9.30 -5.06 39.97
C ASP B 27 8.98 -6.53 39.72
N GLN B 28 10.00 -7.38 39.85
CA GLN B 28 9.82 -8.80 39.69
C GLN B 28 8.82 -9.34 40.72
N ALA B 29 8.91 -8.85 41.95
CA ALA B 29 7.96 -9.26 42.99
C ALA B 29 6.54 -8.79 42.65
N HIS B 30 6.42 -7.53 42.20
CA HIS B 30 5.15 -6.96 41.78
C HIS B 30 4.56 -7.79 40.65
N PHE B 31 5.39 -8.11 39.65
CA PHE B 31 4.99 -8.95 38.53
C PHE B 31 4.47 -10.32 39.00
N ARG B 32 5.21 -11.00 39.87
CA ARG B 32 4.73 -12.31 40.34
C ARG B 32 3.44 -12.21 41.14
N GLU B 33 3.32 -11.18 41.96
CA GLU B 33 2.11 -10.94 42.73
C GLU B 33 0.89 -10.84 41.83
N ILE B 34 1.00 -10.04 40.78
CA ILE B 34 -0.14 -9.83 39.90
C ILE B 34 -0.46 -11.11 39.12
N THR B 35 0.57 -11.78 38.59
CA THR B 35 0.33 -12.86 37.64
C THR B 35 0.17 -14.25 38.25
N MET B 36 0.57 -14.43 39.51
CA MET B 36 0.56 -15.78 40.12
C MET B 36 -0.79 -16.44 39.98
N GLY B 37 -0.78 -17.72 39.60
CA GLY B 37 -2.02 -18.49 39.49
C GLY B 37 -2.93 -18.16 38.33
N HIS B 38 -2.42 -17.40 37.36
CA HIS B 38 -3.24 -17.03 36.21
C HIS B 38 -2.59 -17.47 34.92
N THR B 39 -3.33 -17.34 33.83
CA THR B 39 -2.78 -17.58 32.51
C THR B 39 -1.94 -16.38 32.12
N ILE B 40 -0.73 -16.64 31.63
CA ILE B 40 0.04 -15.56 31.04
C ILE B 40 0.28 -15.82 29.55
N VAL B 41 0.24 -14.75 28.76
CA VAL B 41 0.47 -14.81 27.31
C VAL B 41 1.71 -14.00 26.94
N MET B 42 2.59 -14.56 26.13
CA MET B 42 3.80 -13.82 25.72
C MET B 42 4.14 -14.16 24.28
N GLY B 43 4.85 -13.27 23.61
CA GLY B 43 5.39 -13.59 22.31
C GLY B 43 6.60 -14.49 22.41
N ARG B 44 6.95 -15.15 21.30
CA ARG B 44 8.06 -16.10 21.31
C ARG B 44 9.38 -15.47 21.75
N ARG B 45 9.63 -14.23 21.35
CA ARG B 45 10.89 -13.58 21.71
C ARG B 45 10.96 -13.40 23.23
N THR B 46 9.83 -13.07 23.85
CA THR B 46 9.81 -12.92 25.30
C THR B 46 10.06 -14.29 25.96
N TRP B 47 9.44 -15.34 25.45
CA TRP B 47 9.71 -16.70 25.93
C TRP B 47 11.21 -16.99 25.88
N ASP B 48 11.83 -16.71 24.74
CA ASP B 48 13.27 -16.91 24.55
C ASP B 48 14.10 -16.11 25.56
N SER B 49 13.60 -14.94 25.93
CA SER B 49 14.35 -14.06 26.83
C SER B 49 14.20 -14.44 28.30
N LEU B 50 13.27 -15.35 28.62
CA LEU B 50 13.13 -15.80 30.00
C LEU B 50 14.40 -16.56 30.40
N PRO B 51 14.94 -16.25 31.59
CA PRO B 51 16.03 -17.09 32.08
C PRO B 51 15.58 -18.53 32.19
N ALA B 52 16.42 -19.46 31.74
CA ALA B 52 16.12 -20.89 31.77
C ALA B 52 15.58 -21.37 33.12
N LYS B 53 16.06 -20.75 34.20
CA LYS B 53 15.62 -21.10 35.55
C LYS B 53 14.10 -20.95 35.74
N VAL B 54 13.50 -20.00 35.05
CA VAL B 54 12.07 -19.77 35.17
C VAL B 54 11.37 -19.80 33.81
N ARG B 55 11.74 -20.76 32.99
CA ARG B 55 11.09 -20.96 31.71
C ARG B 55 10.60 -22.41 31.59
N PRO B 56 9.28 -22.65 31.78
CA PRO B 56 8.17 -21.70 31.95
C PRO B 56 8.12 -21.06 33.33
N LEU B 57 7.48 -19.91 33.43
CA LEU B 57 7.30 -19.27 34.74
C LEU B 57 6.41 -20.14 35.65
N PRO B 58 6.93 -20.50 36.82
CA PRO B 58 6.20 -21.41 37.71
C PRO B 58 4.86 -20.86 38.20
N GLY B 59 3.89 -21.75 38.37
CA GLY B 59 2.64 -21.39 38.99
C GLY B 59 1.69 -20.59 38.11
N ARG B 60 2.06 -20.45 36.83
CA ARG B 60 1.19 -19.81 35.85
C ARG B 60 1.07 -20.68 34.61
N ARG B 61 -0.06 -20.58 33.90
CA ARG B 61 -0.22 -21.30 32.66
C ARG B 61 0.43 -20.47 31.58
N ASN B 62 1.61 -20.87 31.15
CA ASN B 62 2.38 -20.14 30.14
C ASN B 62 1.87 -20.41 28.74
N VAL B 63 1.47 -19.38 28.03
CA VAL B 63 0.97 -19.48 26.64
CA VAL B 63 1.13 -19.62 26.64
C VAL B 63 1.90 -18.66 25.74
N VAL B 64 2.46 -19.26 24.70
CA VAL B 64 3.41 -18.57 23.85
C VAL B 64 2.85 -18.43 22.44
N LEU B 65 2.88 -17.21 21.92
CA LEU B 65 2.45 -16.91 20.56
C LEU B 65 3.60 -17.08 19.58
N SER B 66 3.39 -17.88 18.53
CA SER B 66 4.38 -18.07 17.47
C SER B 66 3.74 -18.25 16.09
N ARG B 67 4.37 -17.66 15.07
CA ARG B 67 3.96 -17.91 13.67
C ARG B 67 4.66 -19.12 13.08
N GLN B 68 5.57 -19.73 13.86
CA GLN B 68 6.23 -20.95 13.44
C GLN B 68 5.34 -22.13 13.75
N ALA B 69 4.83 -22.75 12.70
CA ALA B 69 3.85 -23.83 12.82
C ALA B 69 4.33 -24.97 13.72
N ASP B 70 5.63 -25.08 13.91
CA ASP B 70 6.20 -26.21 14.64
C ASP B 70 6.99 -25.85 15.91
N PHE B 71 6.91 -24.59 16.36
CA PHE B 71 7.77 -24.11 17.44
C PHE B 71 7.60 -24.90 18.74
N MET B 72 8.70 -25.13 19.43
CA MET B 72 8.70 -25.95 20.64
C MET B 72 8.99 -25.13 21.88
N ALA B 73 8.12 -25.24 22.88
CA ALA B 73 8.21 -24.50 24.12
C ALA B 73 7.83 -25.41 25.30
N SER B 74 8.79 -26.22 25.72
CA SER B 74 8.56 -27.21 26.76
C SER B 74 7.97 -26.57 28.02
N GLY B 75 6.81 -27.05 28.43
CA GLY B 75 6.17 -26.53 29.63
C GLY B 75 5.22 -25.37 29.35
N ALA B 76 5.14 -24.95 28.09
CA ALA B 76 4.17 -23.93 27.72
C ALA B 76 3.19 -24.40 26.63
N GLU B 77 2.13 -23.63 26.44
CA GLU B 77 1.19 -23.89 25.37
C GLU B 77 1.57 -22.99 24.18
N VAL B 78 1.96 -23.59 23.06
CA VAL B 78 2.23 -22.77 21.86
C VAL B 78 0.95 -22.61 21.03
N VAL B 79 0.58 -21.36 20.71
CA VAL B 79 -0.58 -21.12 19.85
C VAL B 79 -0.22 -20.23 18.67
N GLY B 80 -1.00 -20.33 17.59
CA GLY B 80 -0.66 -19.63 16.35
C GLY B 80 -1.39 -18.34 16.10
N SER B 81 -2.34 -18.00 16.97
CA SER B 81 -3.11 -16.77 16.81
C SER B 81 -3.57 -16.16 18.14
N LEU B 82 -3.90 -14.88 18.08
CA LEU B 82 -4.35 -14.11 19.23
C LEU B 82 -5.65 -14.65 19.80
N GLU B 83 -6.56 -15.06 18.92
CA GLU B 83 -7.81 -15.64 19.39
C GLU B 83 -7.56 -16.86 20.26
N GLU B 84 -6.64 -17.72 19.85
CA GLU B 84 -6.32 -18.93 20.60
C GLU B 84 -5.64 -18.64 21.94
N ALA B 85 -5.03 -17.46 22.07
CA ALA B 85 -4.24 -17.14 23.27
C ALA B 85 -5.03 -16.41 24.36
N LEU B 86 -6.05 -15.67 23.98
CA LEU B 86 -6.73 -14.80 24.94
C LEU B 86 -8.06 -15.33 25.43
N THR B 87 -8.17 -16.64 25.60
CA THR B 87 -9.44 -17.27 25.97
C THR B 87 -9.69 -17.41 27.47
N SER B 88 -8.63 -17.38 28.30
CA SER B 88 -8.83 -17.48 29.75
C SER B 88 -9.42 -16.17 30.29
N PRO B 89 -10.40 -16.28 31.21
CA PRO B 89 -11.13 -15.17 31.86
C PRO B 89 -10.23 -14.19 32.63
N GLU B 90 -9.14 -14.65 33.23
CA GLU B 90 -8.13 -13.70 33.68
C GLU B 90 -6.84 -14.00 32.94
N THR B 91 -6.51 -13.13 32.00
CA THR B 91 -5.33 -13.33 31.18
C THR B 91 -4.41 -12.15 31.40
N TRP B 92 -3.14 -12.42 31.67
CA TRP B 92 -2.16 -11.34 31.75
C TRP B 92 -1.17 -11.43 30.62
N VAL B 93 -1.16 -10.40 29.78
CA VAL B 93 -0.24 -10.35 28.66
C VAL B 93 1.07 -9.76 29.15
N ILE B 94 2.13 -10.56 29.10
CA ILE B 94 3.35 -10.17 29.76
C ILE B 94 4.21 -9.74 28.62
N GLY B 95 5.50 -9.65 28.78
CA GLY B 95 6.17 -9.05 27.64
C GLY B 95 5.97 -9.19 26.14
N GLY B 96 6.74 -8.34 25.46
CA GLY B 96 6.80 -8.33 24.04
C GLY B 96 6.19 -7.05 23.53
N GLY B 97 7.00 -6.18 22.94
CA GLY B 97 6.47 -4.97 22.31
C GLY B 97 5.44 -5.32 21.25
N GLN B 98 5.75 -6.30 20.41
CA GLN B 98 4.81 -6.75 19.37
C GLN B 98 3.50 -7.22 19.97
N VAL B 99 3.59 -8.12 20.94
CA VAL B 99 2.38 -8.74 21.43
C VAL B 99 1.57 -7.73 22.26
N TYR B 100 2.24 -6.81 22.96
CA TYR B 100 1.54 -5.72 23.66
C TYR B 100 0.67 -4.93 22.68
N ALA B 101 1.28 -4.54 21.58
CA ALA B 101 0.58 -3.68 20.61
C ALA B 101 -0.62 -4.41 20.02
N LEU B 102 -0.47 -5.69 19.79
CA LEU B 102 -1.54 -6.44 19.15
C LEU B 102 -2.66 -6.86 20.11
N ALA B 103 -2.33 -7.02 21.39
CA ALA B 103 -3.34 -7.46 22.37
C ALA B 103 -4.07 -6.29 23.03
N LEU B 104 -3.47 -5.10 22.96
CA LEU B 104 -4.00 -3.93 23.67
C LEU B 104 -5.52 -3.68 23.44
N PRO B 105 -6.04 -3.84 22.19
CA PRO B 105 -7.47 -3.61 21.98
C PRO B 105 -8.36 -4.59 22.76
N TYR B 106 -7.83 -5.75 23.11
CA TYR B 106 -8.58 -6.76 23.86
C TYR B 106 -8.54 -6.48 25.38
N ALA B 107 -7.73 -5.50 25.77
CA ALA B 107 -7.41 -5.30 27.19
C ALA B 107 -8.24 -4.23 27.89
N THR B 108 -8.55 -4.49 29.14
CA THR B 108 -9.28 -3.53 29.97
C THR B 108 -8.51 -3.15 31.24
N ARG B 109 -7.32 -3.74 31.43
CA ARG B 109 -6.42 -3.31 32.51
C ARG B 109 -4.98 -3.19 32.01
N CYS B 110 -4.26 -2.20 32.54
CA CYS B 110 -2.81 -2.17 32.39
C CYS B 110 -2.17 -1.94 33.74
N GLU B 111 -1.19 -2.77 34.08
CA GLU B 111 -0.40 -2.54 35.29
C GLU B 111 1.01 -2.21 34.86
N VAL B 112 1.41 -0.97 35.11
CA VAL B 112 2.65 -0.44 34.57
C VAL B 112 3.64 -0.08 35.66
N THR B 113 4.90 -0.42 35.44
CA THR B 113 5.98 0.07 36.30
C THR B 113 6.79 1.05 35.46
N GLU B 114 6.97 2.27 35.97
CA GLU B 114 7.83 3.23 35.28
C GLU B 114 9.16 3.29 36.00
N VAL B 115 10.25 3.20 35.24
CA VAL B 115 11.60 3.25 35.81
C VAL B 115 12.27 4.59 35.47
N ASP B 116 12.58 5.38 36.49
CA ASP B 116 13.15 6.71 36.25
C ASP B 116 14.64 6.62 35.92
N ILE B 117 14.95 6.16 34.71
CA ILE B 117 16.33 6.21 34.22
C ILE B 117 16.43 6.79 32.82
N GLY B 118 17.51 7.52 32.57
CA GLY B 118 17.76 8.08 31.25
C GLY B 118 18.07 6.98 30.25
N LEU B 119 17.13 6.72 29.35
CA LEU B 119 17.27 5.62 28.41
C LEU B 119 16.57 5.93 27.09
N PRO B 120 17.17 6.83 26.29
CA PRO B 120 16.58 7.24 25.01
C PRO B 120 16.34 6.07 24.05
N ARG B 121 15.27 6.14 23.30
CA ARG B 121 14.92 5.08 22.35
C ARG B 121 15.96 4.96 21.24
N GLU B 122 16.31 3.73 20.93
CA GLU B 122 17.23 3.40 19.85
C GLU B 122 16.49 2.54 18.83
N ALA B 123 16.92 2.59 17.58
CA ALA B 123 16.25 1.82 16.53
C ALA B 123 16.21 0.33 16.86
N GLY B 124 15.03 -0.27 16.72
CA GLY B 124 14.87 -1.70 16.98
C GLY B 124 14.55 -2.08 18.43
N ASP B 125 14.48 -1.09 19.31
CA ASP B 125 14.06 -1.33 20.70
C ASP B 125 12.65 -1.90 20.75
N ALA B 126 12.35 -2.68 21.78
CA ALA B 126 10.96 -2.98 22.10
C ALA B 126 10.40 -1.83 22.93
N LEU B 127 9.19 -1.40 22.61
CA LEU B 127 8.61 -0.22 23.26
C LEU B 127 7.27 -0.54 23.92
N ALA B 128 6.96 0.18 24.99
CA ALA B 128 5.64 0.05 25.59
C ALA B 128 4.56 0.64 24.67
N PRO B 129 3.35 0.08 24.73
CA PRO B 129 2.23 0.65 23.97
C PRO B 129 1.87 2.03 24.54
N VAL B 130 1.40 2.95 23.71
CA VAL B 130 0.99 4.24 24.25
C VAL B 130 -0.53 4.19 24.48
N LEU B 131 -0.94 4.68 25.64
CA LEU B 131 -2.33 4.58 26.07
C LEU B 131 -3.07 5.87 25.75
N ASP B 132 -4.23 5.75 25.11
CA ASP B 132 -5.01 6.93 24.75
C ASP B 132 -6.06 7.25 25.80
N GLU B 133 -7.01 8.13 25.46
CA GLU B 133 -7.96 8.67 26.45
C GLU B 133 -9.13 7.72 26.76
N THR B 134 -9.14 6.55 26.15
CA THR B 134 -10.13 5.54 26.54
C THR B 134 -9.82 5.06 27.95
N TRP B 135 -8.58 5.27 28.40
CA TRP B 135 -8.13 4.77 29.70
C TRP B 135 -8.26 5.76 30.85
N ARG B 136 -8.55 5.24 32.04
CA ARG B 136 -8.41 6.01 33.27
C ARG B 136 -7.27 5.43 34.10
N GLY B 137 -6.47 6.30 34.72
CA GLY B 137 -5.32 5.84 35.46
C GLY B 137 -5.25 6.29 36.90
N GLU B 138 -4.42 5.59 37.67
CA GLU B 138 -4.06 5.99 39.03
C GLU B 138 -2.55 5.91 39.13
N THR B 139 -1.93 6.96 39.65
CA THR B 139 -0.47 6.99 39.75
C THR B 139 -0.02 6.68 41.18
N GLY B 140 0.98 5.82 41.31
CA GLY B 140 1.54 5.49 42.61
C GLY B 140 2.65 6.45 43.00
N GLU B 141 3.01 6.46 44.27
CA GLU B 141 4.07 7.33 44.76
C GLU B 141 5.44 6.82 44.33
N TRP B 142 6.31 7.74 43.91
CA TRP B 142 7.69 7.40 43.57
C TRP B 142 8.38 6.69 44.71
N ARG B 143 9.30 5.79 44.40
CA ARG B 143 10.15 5.20 45.43
C ARG B 143 11.49 4.71 44.89
N PHE B 144 12.46 4.53 45.78
CA PHE B 144 13.73 3.94 45.40
C PHE B 144 13.74 2.45 45.71
N SER B 145 14.36 1.68 44.83
CA SER B 145 14.67 0.30 45.16
C SER B 145 15.92 0.30 46.01
N ARG B 146 16.27 -0.85 46.57
CA ARG B 146 17.53 -0.97 47.31
C ARG B 146 18.70 -0.94 46.32
N SER B 147 18.34 -0.98 45.04
CA SER B 147 19.26 -0.79 43.92
C SER B 147 19.84 0.62 43.91
N GLY B 148 19.17 1.50 43.17
CA GLY B 148 19.52 2.90 43.10
C GLY B 148 18.73 3.64 42.03
N LEU B 149 17.61 3.06 41.63
CA LEU B 149 16.78 3.65 40.58
C LEU B 149 15.36 3.97 41.09
N ARG B 150 14.83 5.14 40.72
CA ARG B 150 13.46 5.48 41.09
C ARG B 150 12.46 4.77 40.19
N TYR B 151 11.40 4.24 40.79
CA TYR B 151 10.31 3.63 40.04
C TYR B 151 8.96 3.95 40.67
N ARG B 152 7.88 3.84 39.90
CA ARG B 152 6.55 3.96 40.48
C ARG B 152 5.58 3.10 39.70
N LEU B 153 4.45 2.77 40.32
CA LEU B 153 3.41 1.94 39.73
C LEU B 153 2.24 2.76 39.20
N TYR B 154 1.68 2.32 38.06
CA TYR B 154 0.47 2.92 37.49
C TYR B 154 -0.56 1.83 37.39
N SER B 155 -1.82 2.18 37.55
CA SER B 155 -2.86 1.20 37.32
C SER B 155 -3.85 1.85 36.38
N TYR B 156 -4.12 1.19 35.24
CA TYR B 156 -4.99 1.74 34.21
C TYR B 156 -6.18 0.81 34.00
N HIS B 157 -7.33 1.38 33.65
CA HIS B 157 -8.53 0.60 33.45
C HIS B 157 -9.49 1.29 32.49
N ARG B 158 -10.23 0.48 31.73
CA ARG B 158 -11.37 0.97 30.97
C ARG B 158 -12.40 -0.15 31.01
N SER B 159 -13.64 0.16 30.66
CA SER B 159 -14.72 -0.83 30.78
C SER B 159 -15.28 -1.21 29.41
N MET C 1 5.54 16.90 -12.31
CA MET C 1 5.79 16.46 -10.93
C MET C 1 6.80 15.33 -10.90
N VAL C 2 7.92 15.55 -10.22
CA VAL C 2 8.85 14.46 -9.97
C VAL C 2 8.78 14.10 -8.50
N GLY C 3 8.54 12.83 -8.21
CA GLY C 3 8.48 12.35 -6.84
C GLY C 3 9.57 11.31 -6.59
N LEU C 4 10.04 11.24 -5.36
CA LEU C 4 10.94 10.16 -4.93
C LEU C 4 10.15 9.23 -4.03
N ILE C 5 10.37 7.92 -4.15
CA ILE C 5 9.79 6.98 -3.20
C ILE C 5 10.88 6.01 -2.77
N TRP C 6 11.04 5.82 -1.46
CA TRP C 6 12.03 4.89 -0.96
C TRP C 6 11.61 4.34 0.39
N ALA C 7 12.27 3.25 0.77
CA ALA C 7 12.12 2.66 2.11
C ALA C 7 13.50 2.61 2.79
N GLN C 8 13.55 3.10 4.02
CA GLN C 8 14.82 3.21 4.73
C GLN C 8 14.70 2.64 6.13
N ALA C 9 15.79 2.09 6.65
CA ALA C 9 15.88 1.88 8.10
C ALA C 9 16.03 3.26 8.75
N THR C 10 15.80 3.35 10.05
CA THR C 10 15.90 4.63 10.74
C THR C 10 17.27 5.30 10.50
N SER C 11 18.31 4.49 10.42
CA SER C 11 19.67 4.95 10.17
C SER C 11 19.84 5.69 8.86
N GLY C 12 18.96 5.40 7.91
CA GLY C 12 19.05 5.99 6.58
C GLY C 12 19.50 5.00 5.52
N VAL C 13 19.95 3.82 5.96
CA VAL C 13 20.31 2.74 5.05
C VAL C 13 19.14 2.30 4.18
N ILE C 14 19.36 2.25 2.86
CA ILE C 14 18.33 1.74 1.96
C ILE C 14 18.80 0.53 1.16
N GLY C 15 20.11 0.33 1.07
CA GLY C 15 20.63 -0.81 0.34
C GLY C 15 22.00 -1.21 0.82
N ARG C 16 22.34 -2.48 0.64
CA ARG C 16 23.64 -3.02 1.04
C ARG C 16 23.89 -4.31 0.28
N GLY C 17 25.10 -4.47 -0.27
CA GLY C 17 25.43 -5.65 -1.06
C GLY C 17 24.48 -5.92 -2.22
N GLY C 18 24.01 -4.83 -2.84
CA GLY C 18 23.12 -4.91 -3.98
C GLY C 18 21.69 -5.34 -3.68
N ASP C 19 21.28 -5.24 -2.42
CA ASP C 19 19.91 -5.62 -2.06
C ASP C 19 19.32 -4.75 -0.95
N ILE C 20 18.00 -4.81 -0.80
CA ILE C 20 17.34 -4.16 0.33
C ILE C 20 17.42 -5.10 1.53
N PRO C 21 18.02 -4.63 2.63
CA PRO C 21 18.38 -5.49 3.77
C PRO C 21 17.24 -5.77 4.75
N TRP C 22 16.02 -5.89 4.25
CA TRP C 22 14.86 -6.35 5.02
C TRP C 22 13.78 -6.82 4.06
N ARG C 23 12.75 -7.46 4.59
CA ARG C 23 11.61 -7.84 3.75
C ARG C 23 10.32 -7.31 4.36
N LEU C 24 9.55 -6.62 3.54
CA LEU C 24 8.36 -5.92 4.01
C LEU C 24 7.35 -5.90 2.89
N PRO C 25 6.46 -6.91 2.84
CA PRO C 25 5.45 -7.01 1.78
C PRO C 25 4.50 -5.82 1.76
N GLU C 26 4.18 -5.30 2.94
CA GLU C 26 3.30 -4.14 3.05
C GLU C 26 3.87 -2.95 2.27
N ASP C 27 5.19 -2.82 2.30
CA ASP C 27 5.85 -1.72 1.61
C ASP C 27 5.88 -1.94 0.11
N GLN C 28 6.05 -3.19 -0.31
CA GLN C 28 5.93 -3.56 -1.72
C GLN C 28 4.55 -3.14 -2.26
N ALA C 29 3.52 -3.47 -1.49
CA ALA C 29 2.16 -3.06 -1.77
C ALA C 29 2.00 -1.55 -1.90
N HIS C 30 2.62 -0.83 -0.97
CA HIS C 30 2.57 0.62 -0.95
C HIS C 30 3.22 1.19 -2.20
N PHE C 31 4.38 0.62 -2.51
CA PHE C 31 5.18 1.04 -3.66
C PHE C 31 4.45 0.82 -4.96
N ARG C 32 3.83 -0.37 -5.10
CA ARG C 32 3.09 -0.69 -6.30
C ARG C 32 1.92 0.29 -6.48
N GLU C 33 1.20 0.60 -5.41
CA GLU C 33 0.01 1.44 -5.54
C GLU C 33 0.34 2.88 -5.87
N ILE C 34 1.46 3.38 -5.35
CA ILE C 34 1.89 4.71 -5.73
C ILE C 34 2.32 4.74 -7.21
N THR C 35 3.13 3.76 -7.61
CA THR C 35 3.83 3.84 -8.91
C THR C 35 3.03 3.27 -10.09
N MET C 36 2.03 2.42 -9.83
CA MET C 36 1.33 1.77 -10.94
C MET C 36 0.75 2.76 -11.98
N GLY C 37 0.94 2.46 -13.25
CA GLY C 37 0.40 3.28 -14.33
C GLY C 37 1.25 4.50 -14.65
N HIS C 38 2.45 4.55 -14.08
CA HIS C 38 3.27 5.74 -14.25
C HIS C 38 4.66 5.43 -14.76
N THR C 39 5.39 6.48 -15.09
CA THR C 39 6.78 6.35 -15.47
C THR C 39 7.58 6.22 -14.18
N ILE C 40 8.47 5.24 -14.14
CA ILE C 40 9.41 5.11 -13.04
C ILE C 40 10.85 5.23 -13.55
N VAL C 41 11.70 5.87 -12.74
CA VAL C 41 13.08 6.14 -13.13
C VAL C 41 14.02 5.50 -12.11
N MET C 42 15.01 4.77 -12.57
CA MET C 42 15.93 4.11 -11.63
C MET C 42 17.34 4.11 -12.19
N GLY C 43 18.32 4.07 -11.30
CA GLY C 43 19.70 3.89 -11.72
C GLY C 43 19.92 2.46 -12.15
N ARG C 44 20.99 2.23 -12.91
CA ARG C 44 21.20 0.91 -13.51
C ARG C 44 21.44 -0.17 -12.43
N ARG C 45 22.03 0.22 -11.29
CA ARG C 45 22.31 -0.78 -10.24
C ARG C 45 20.99 -1.22 -9.62
N THR C 46 20.03 -0.29 -9.54
CA THR C 46 18.72 -0.65 -9.03
C THR C 46 18.04 -1.60 -10.02
N TRP C 47 18.19 -1.33 -11.32
CA TRP C 47 17.67 -2.22 -12.35
C TRP C 47 18.23 -3.62 -12.17
N ASP C 48 19.53 -3.73 -11.92
CA ASP C 48 20.16 -5.04 -11.74
C ASP C 48 19.58 -5.75 -10.51
N SER C 49 19.27 -4.98 -9.47
CA SER C 49 18.82 -5.60 -8.23
C SER C 49 17.34 -5.99 -8.25
N LEU C 50 16.61 -5.62 -9.31
CA LEU C 50 15.23 -6.10 -9.45
C LEU C 50 15.23 -7.62 -9.61
N PRO C 51 14.35 -8.31 -8.85
CA PRO C 51 14.12 -9.73 -9.12
C PRO C 51 13.72 -9.95 -10.57
N ALA C 52 14.32 -10.96 -11.21
CA ALA C 52 14.09 -11.26 -12.62
C ALA C 52 12.61 -11.32 -12.98
N LYS C 53 11.80 -11.78 -12.05
CA LYS C 53 10.37 -11.96 -12.28
C LYS C 53 9.65 -10.62 -12.55
N VAL C 54 10.17 -9.54 -11.97
CA VAL C 54 9.55 -8.22 -12.14
C VAL C 54 10.53 -7.21 -12.73
N ARG C 55 11.35 -7.67 -13.67
CA ARG C 55 12.29 -6.81 -14.37
C ARG C 55 12.04 -6.91 -15.88
N PRO C 56 11.35 -5.90 -16.46
CA PRO C 56 10.92 -4.62 -15.89
C PRO C 56 9.69 -4.74 -14.99
N LEU C 57 9.45 -3.75 -14.13
CA LEU C 57 8.26 -3.75 -13.27
C LEU C 57 6.99 -3.59 -14.11
N PRO C 58 6.04 -4.53 -13.97
CA PRO C 58 4.87 -4.53 -14.86
C PRO C 58 3.97 -3.32 -14.66
N GLY C 59 3.35 -2.86 -15.74
CA GLY C 59 2.37 -1.78 -15.67
C GLY C 59 2.96 -0.40 -15.44
N ARG C 60 4.28 -0.31 -15.56
CA ARG C 60 4.95 0.98 -15.44
C ARG C 60 5.91 1.17 -16.61
N ARG C 61 6.11 2.41 -17.04
CA ARG C 61 7.16 2.70 -18.00
C ARG C 61 8.49 2.74 -17.28
N ASN C 62 9.29 1.69 -17.45
CA ASN C 62 10.58 1.56 -16.79
C ASN C 62 11.64 2.37 -17.52
N VAL C 63 12.25 3.32 -16.82
CA VAL C 63 13.33 4.13 -17.39
C VAL C 63 14.60 3.90 -16.58
N VAL C 64 15.67 3.53 -17.26
CA VAL C 64 16.93 3.19 -16.60
C VAL C 64 18.05 4.15 -17.00
N LEU C 65 18.65 4.77 -15.98
CA LEU C 65 19.73 5.74 -16.15
C LEU C 65 21.08 5.04 -16.23
N SER C 66 21.82 5.30 -17.30
CA SER C 66 23.14 4.71 -17.42
C SER C 66 24.11 5.65 -18.15
N ARG C 67 25.34 5.66 -17.66
CA ARG C 67 26.37 6.50 -18.25
C ARG C 67 27.16 5.66 -19.23
N GLN C 68 26.66 4.48 -19.52
CA GLN C 68 27.40 3.52 -20.35
C GLN C 68 26.79 3.47 -21.73
N ALA C 69 27.68 3.48 -22.73
CA ALA C 69 27.32 3.65 -24.15
C ALA C 69 26.02 2.97 -24.57
N ASP C 70 26.04 1.65 -24.66
CA ASP C 70 24.87 0.91 -25.09
C ASP C 70 24.42 -0.13 -24.05
N PHE C 71 24.08 0.33 -22.84
CA PHE C 71 23.60 -0.58 -21.81
C PHE C 71 22.27 -1.20 -22.23
N MET C 72 22.16 -2.51 -22.06
CA MET C 72 20.96 -3.21 -22.53
C MET C 72 20.04 -3.58 -21.38
N ALA C 73 18.81 -3.09 -21.47
CA ALA C 73 17.78 -3.35 -20.47
C ALA C 73 16.49 -3.71 -21.19
N SER C 74 16.29 -5.01 -21.40
CA SER C 74 15.12 -5.49 -22.12
C SER C 74 13.83 -5.06 -21.44
N GLY C 75 12.98 -4.33 -22.17
CA GLY C 75 11.68 -3.94 -21.63
C GLY C 75 11.69 -2.60 -20.90
N ALA C 76 12.84 -1.95 -20.87
CA ALA C 76 12.95 -0.62 -20.29
C ALA C 76 13.55 0.36 -21.30
N GLU C 77 13.40 1.65 -21.03
CA GLU C 77 14.07 2.68 -21.82
C GLU C 77 15.38 3.09 -21.12
N VAL C 78 16.51 2.83 -21.77
CA VAL C 78 17.79 3.30 -21.27
C VAL C 78 18.10 4.72 -21.73
N VAL C 79 18.43 5.61 -20.80
CA VAL C 79 18.80 6.98 -21.14
C VAL C 79 20.15 7.30 -20.48
N GLY C 80 20.82 8.35 -20.99
CA GLY C 80 22.15 8.68 -20.52
C GLY C 80 22.27 9.88 -19.60
N SER C 81 21.16 10.52 -19.29
CA SER C 81 21.18 11.73 -18.48
C SER C 81 19.86 11.97 -17.77
N LEU C 82 19.90 12.80 -16.72
CA LEU C 82 18.71 13.12 -15.95
C LEU C 82 17.67 13.90 -16.75
N GLU C 83 18.15 14.78 -17.63
CA GLU C 83 17.24 15.54 -18.47
C GLU C 83 16.38 14.58 -19.32
N GLU C 84 17.01 13.55 -19.87
CA GLU C 84 16.28 12.57 -20.69
C GLU C 84 15.34 11.70 -19.88
N ALA C 85 15.64 11.55 -18.60
CA ALA C 85 14.88 10.61 -17.74
C ALA C 85 13.64 11.24 -17.10
N LEU C 86 13.66 12.55 -16.90
CA LEU C 86 12.69 13.18 -15.99
C LEU C 86 11.62 13.99 -16.70
N THR C 87 11.23 13.57 -17.90
CA THR C 87 10.31 14.37 -18.72
C THR C 87 8.83 14.03 -18.61
N SER C 88 8.48 12.86 -18.07
CA SER C 88 7.06 12.54 -17.92
C SER C 88 6.47 13.36 -16.75
N PRO C 89 5.26 13.92 -16.95
CA PRO C 89 4.54 14.77 -16.00
C PRO C 89 4.27 14.15 -14.61
N GLU C 90 4.07 12.84 -14.52
CA GLU C 90 4.17 12.20 -13.22
C GLU C 90 5.27 11.17 -13.28
N THR C 91 6.40 11.48 -12.67
CA THR C 91 7.55 10.59 -12.67
C THR C 91 7.86 10.17 -11.25
N TRP C 92 8.04 8.87 -11.03
CA TRP C 92 8.49 8.41 -9.72
C TRP C 92 9.89 7.86 -9.82
N VAL C 93 10.80 8.47 -9.05
CA VAL C 93 12.16 8.01 -8.97
C VAL C 93 12.23 6.97 -7.84
N ILE C 94 12.70 5.76 -8.16
CA ILE C 94 12.47 4.63 -7.27
C ILE C 94 13.78 4.06 -6.82
N GLY C 95 14.86 4.70 -7.22
CA GLY C 95 15.97 3.82 -7.47
C GLY C 95 17.34 4.33 -7.47
N GLY C 96 17.99 4.04 -6.35
CA GLY C 96 19.39 4.20 -6.12
C GLY C 96 19.67 5.33 -5.18
N GLY C 97 20.56 5.11 -4.23
CA GLY C 97 21.08 6.23 -3.45
C GLY C 97 21.66 7.31 -4.36
N GLN C 98 22.43 6.90 -5.36
CA GLN C 98 23.02 7.86 -6.29
C GLN C 98 21.93 8.64 -7.05
N VAL C 99 20.95 7.93 -7.61
CA VAL C 99 19.94 8.62 -8.41
C VAL C 99 18.94 9.41 -7.54
N TYR C 100 18.64 8.95 -6.32
CA TYR C 100 17.90 9.82 -5.37
C TYR C 100 18.61 11.16 -5.19
N ALA C 101 19.90 11.10 -4.91
CA ALA C 101 20.69 12.30 -4.62
C ALA C 101 20.69 13.27 -5.79
N LEU C 102 20.80 12.72 -7.00
CA LEU C 102 20.89 13.55 -8.19
C LEU C 102 19.52 14.07 -8.65
N ALA C 103 18.47 13.32 -8.39
CA ALA C 103 17.16 13.74 -8.87
C ALA C 103 16.40 14.62 -7.87
N LEU C 104 16.81 14.61 -6.60
CA LEU C 104 16.05 15.31 -5.55
C LEU C 104 15.77 16.81 -5.83
N PRO C 105 16.74 17.56 -6.42
CA PRO C 105 16.43 18.97 -6.72
C PRO C 105 15.25 19.16 -7.68
N TYR C 106 14.92 18.11 -8.45
CA TYR C 106 13.81 18.17 -9.40
C TYR C 106 12.48 17.79 -8.75
N ALA C 107 12.56 17.30 -7.53
CA ALA C 107 11.41 16.66 -6.89
C ALA C 107 10.60 17.60 -6.01
N THR C 108 9.29 17.41 -6.03
CA THR C 108 8.36 18.15 -5.19
C THR C 108 7.53 17.22 -4.30
N ARG C 109 7.73 15.91 -4.42
CA ARG C 109 7.12 14.94 -3.50
C ARG C 109 8.11 13.86 -3.08
N CYS C 110 8.05 13.44 -1.81
CA CYS C 110 8.74 12.22 -1.37
C CYS C 110 7.76 11.35 -0.60
N GLU C 111 7.74 10.06 -0.90
CA GLU C 111 6.92 9.10 -0.16
C GLU C 111 7.87 8.10 0.47
N VAL C 112 7.97 8.16 1.80
CA VAL C 112 9.01 7.46 2.52
C VAL C 112 8.39 6.43 3.46
N THR C 113 8.99 5.25 3.49
CA THR C 113 8.66 4.22 4.47
C THR C 113 9.83 4.12 5.43
N GLU C 114 9.55 4.25 6.73
CA GLU C 114 10.60 4.08 7.71
C GLU C 114 10.45 2.71 8.37
N VAL C 115 11.55 1.97 8.43
CA VAL C 115 11.51 0.64 9.04
C VAL C 115 12.27 0.70 10.36
N ASP C 116 11.60 0.32 11.43
CA ASP C 116 12.20 0.43 12.75
C ASP C 116 13.03 -0.81 13.05
N ILE C 117 14.19 -0.92 12.41
CA ILE C 117 15.17 -1.94 12.76
C ILE C 117 16.54 -1.33 13.00
N GLY C 118 17.33 -1.98 13.85
CA GLY C 118 18.67 -1.52 14.13
C GLY C 118 19.56 -1.92 12.99
N LEU C 119 20.07 -0.93 12.27
CA LEU C 119 20.89 -1.19 11.10
C LEU C 119 21.86 -0.05 10.84
N PRO C 120 22.95 0.00 11.63
CA PRO C 120 23.97 1.07 11.52
C PRO C 120 24.64 1.15 10.14
N ARG C 121 24.84 2.37 9.68
CA ARG C 121 25.49 2.60 8.40
C ARG C 121 26.88 1.97 8.31
N GLU C 122 27.17 1.36 7.17
CA GLU C 122 28.49 0.82 6.89
C GLU C 122 29.02 1.44 5.60
N ALA C 123 30.34 1.53 5.47
CA ALA C 123 30.93 2.13 4.27
C ALA C 123 30.43 1.41 3.01
N GLY C 124 30.08 2.19 1.99
CA GLY C 124 29.60 1.63 0.74
C GLY C 124 28.10 1.41 0.66
N ASP C 125 27.42 1.52 1.80
CA ASP C 125 25.95 1.45 1.83
C ASP C 125 25.31 2.46 0.88
N ALA C 126 24.15 2.12 0.34
CA ALA C 126 23.34 3.15 -0.32
C ALA C 126 22.45 3.79 0.73
N LEU C 127 22.36 5.12 0.70
CA LEU C 127 21.66 5.86 1.75
C LEU C 127 20.47 6.66 1.22
N ALA C 128 19.50 6.91 2.07
CA ALA C 128 18.41 7.79 1.69
C ALA C 128 18.91 9.22 1.65
N PRO C 129 18.32 10.04 0.78
CA PRO C 129 18.66 11.47 0.76
C PRO C 129 18.19 12.15 2.04
N VAL C 130 18.88 13.21 2.44
CA VAL C 130 18.51 13.94 3.65
C VAL C 130 17.65 15.14 3.25
N LEU C 131 16.46 15.25 3.82
CA LEU C 131 15.52 16.31 3.43
C LEU C 131 15.69 17.54 4.29
N ASP C 132 15.79 18.71 3.66
CA ASP C 132 15.99 19.96 4.41
C ASP C 132 14.68 20.70 4.67
N GLU C 133 14.81 21.95 5.12
CA GLU C 133 13.68 22.76 5.55
C GLU C 133 12.76 23.23 4.43
N THR C 134 13.14 23.00 3.18
CA THR C 134 12.28 23.39 2.07
C THR C 134 11.05 22.49 2.04
N TRP C 135 11.16 21.32 2.67
CA TRP C 135 10.11 20.31 2.66
C TRP C 135 9.13 20.44 3.81
N ARG C 136 7.87 20.12 3.55
CA ARG C 136 6.92 19.90 4.64
C ARG C 136 6.40 18.47 4.58
N GLY C 137 6.17 17.88 5.74
CA GLY C 137 5.77 16.49 5.78
C GLY C 137 4.63 16.16 6.71
N GLU C 138 4.06 14.98 6.52
CA GLU C 138 3.12 14.40 7.47
C GLU C 138 3.62 13.03 7.88
N THR C 139 3.54 12.74 9.16
CA THR C 139 3.99 11.44 9.67
C THR C 139 2.79 10.53 9.91
N GLY C 140 2.86 9.30 9.40
CA GLY C 140 1.82 8.32 9.63
C GLY C 140 2.01 7.53 10.93
N GLU C 141 0.97 6.81 11.34
CA GLU C 141 1.01 5.98 12.54
C GLU C 141 1.92 4.77 12.36
N TRP C 142 2.76 4.50 13.37
CA TRP C 142 3.57 3.28 13.42
C TRP C 142 2.70 2.04 13.24
N ARG C 143 3.19 1.07 12.47
CA ARG C 143 2.47 -0.18 12.27
C ARG C 143 3.40 -1.39 12.37
N PHE C 144 2.82 -2.54 12.68
CA PHE C 144 3.59 -3.78 12.67
C PHE C 144 3.35 -4.54 11.37
N SER C 145 4.45 -4.91 10.72
CA SER C 145 4.40 -5.82 9.59
C SER C 145 3.74 -7.11 10.05
N ARG C 146 2.93 -7.77 9.22
CA ARG C 146 2.25 -8.98 9.69
C ARG C 146 3.25 -10.13 9.82
N SER C 147 4.53 -9.76 9.74
CA SER C 147 5.64 -10.63 10.06
C SER C 147 6.29 -10.22 11.37
N GLY C 148 6.35 -8.91 11.65
CA GLY C 148 6.94 -8.41 12.88
C GLY C 148 7.62 -7.05 12.87
N LEU C 149 7.97 -6.57 11.68
CA LEU C 149 8.67 -5.29 11.54
C LEU C 149 7.77 -4.11 11.90
N ARG C 150 8.30 -3.16 12.65
CA ARG C 150 7.55 -1.93 12.86
C ARG C 150 7.95 -0.94 11.77
N TYR C 151 6.95 -0.32 11.14
CA TYR C 151 7.19 0.61 10.04
C TYR C 151 6.16 1.74 10.05
N ARG C 152 6.47 2.84 9.39
CA ARG C 152 5.49 3.91 9.22
C ARG C 152 5.76 4.66 7.92
N LEU C 153 4.72 5.33 7.41
CA LEU C 153 4.80 6.09 6.17
C LEU C 153 5.00 7.59 6.42
N TYR C 154 5.79 8.25 5.58
CA TYR C 154 5.91 9.71 5.56
C TYR C 154 5.51 10.20 4.18
N SER C 155 4.88 11.37 4.13
CA SER C 155 4.59 12.02 2.86
C SER C 155 5.10 13.45 2.92
N TYR C 156 6.07 13.75 2.06
CA TYR C 156 6.68 15.08 2.03
C TYR C 156 6.30 15.80 0.76
N HIS C 157 6.23 17.12 0.83
CA HIS C 157 6.01 17.92 -0.36
C HIS C 157 6.55 19.34 -0.22
N ARG C 158 6.83 19.94 -1.35
CA ARG C 158 7.22 21.33 -1.42
C ARG C 158 6.71 21.83 -2.75
N SER C 159 6.52 23.14 -2.90
CA SER C 159 5.87 23.66 -4.11
C SER C 159 6.85 24.39 -5.02
N MET D 1 10.43 11.96 -30.28
CA MET D 1 9.18 11.21 -30.39
C MET D 1 9.38 9.89 -31.13
N VAL D 2 9.27 8.79 -30.40
CA VAL D 2 9.23 7.49 -31.05
C VAL D 2 7.79 7.01 -31.02
N GLY D 3 7.26 6.66 -32.19
CA GLY D 3 5.93 6.08 -32.27
C GLY D 3 5.98 4.66 -32.82
N LEU D 4 5.01 3.85 -32.40
CA LEU D 4 4.77 2.53 -33.00
C LEU D 4 3.52 2.60 -33.85
N ILE D 5 3.53 1.92 -35.00
CA ILE D 5 2.34 1.79 -35.84
C ILE D 5 2.25 0.36 -36.32
N TRP D 6 1.08 -0.24 -36.13
CA TRP D 6 0.88 -1.63 -36.55
C TRP D 6 -0.60 -1.91 -36.87
N ALA D 7 -0.80 -3.02 -37.59
CA ALA D 7 -2.13 -3.53 -37.86
C ALA D 7 -2.26 -4.95 -37.28
N GLN D 8 -3.31 -5.17 -36.48
CA GLN D 8 -3.52 -6.47 -35.84
C GLN D 8 -4.93 -7.02 -36.05
N ALA D 9 -5.04 -8.33 -36.13
CA ALA D 9 -6.34 -8.96 -35.92
C ALA D 9 -6.75 -8.72 -34.47
N THR D 10 -8.03 -8.86 -34.17
CA THR D 10 -8.50 -8.70 -32.79
C THR D 10 -7.65 -9.52 -31.80
N SER D 11 -7.22 -10.70 -32.22
CA SER D 11 -6.45 -11.64 -31.40
C SER D 11 -5.07 -11.13 -30.98
N GLY D 12 -4.54 -10.16 -31.73
CA GLY D 12 -3.19 -9.68 -31.49
C GLY D 12 -2.18 -10.12 -32.54
N VAL D 13 -2.59 -11.05 -33.40
CA VAL D 13 -1.73 -11.54 -34.47
C VAL D 13 -1.44 -10.42 -35.47
N ILE D 14 -0.16 -10.18 -35.74
CA ILE D 14 0.24 -9.21 -36.76
C ILE D 14 1.01 -9.86 -37.89
N GLY D 15 1.52 -11.06 -37.65
CA GLY D 15 2.33 -11.71 -38.66
C GLY D 15 2.25 -13.22 -38.54
N ARG D 16 2.30 -13.91 -39.69
CA ARG D 16 2.39 -15.36 -39.72
C ARG D 16 3.04 -15.80 -41.04
N GLY D 17 3.98 -16.74 -40.95
CA GLY D 17 4.65 -17.25 -42.13
C GLY D 17 5.36 -16.16 -42.93
N GLY D 18 5.85 -15.15 -42.21
CA GLY D 18 6.62 -14.07 -42.81
C GLY D 18 5.80 -13.06 -43.59
N ASP D 19 4.50 -13.01 -43.34
CA ASP D 19 3.65 -12.05 -44.06
C ASP D 19 2.49 -11.57 -43.18
N ILE D 20 1.83 -10.48 -43.60
CA ILE D 20 0.60 -10.05 -42.94
C ILE D 20 -0.59 -10.86 -43.46
N PRO D 21 -1.29 -11.57 -42.55
CA PRO D 21 -2.31 -12.54 -42.96
C PRO D 21 -3.69 -11.94 -43.34
N TRP D 22 -3.69 -10.79 -43.99
CA TRP D 22 -4.92 -10.20 -44.53
C TRP D 22 -4.59 -9.11 -45.55
N ARG D 23 -5.60 -8.71 -46.31
CA ARG D 23 -5.45 -7.66 -47.31
C ARG D 23 -6.26 -6.41 -46.92
N LEU D 24 -5.60 -5.27 -46.77
CA LEU D 24 -6.31 -4.05 -46.38
C LEU D 24 -5.66 -2.78 -46.93
N PRO D 25 -6.02 -2.43 -48.18
CA PRO D 25 -5.47 -1.24 -48.86
C PRO D 25 -5.66 0.03 -48.06
N GLU D 26 -6.77 0.13 -47.34
CA GLU D 26 -7.06 1.35 -46.60
C GLU D 26 -6.05 1.52 -45.45
N ASP D 27 -5.66 0.41 -44.86
CA ASP D 27 -4.62 0.45 -43.83
C ASP D 27 -3.26 0.80 -44.42
N GLN D 28 -2.98 0.28 -45.60
CA GLN D 28 -1.76 0.64 -46.32
C GLN D 28 -1.72 2.15 -46.55
N ALA D 29 -2.85 2.72 -46.93
CA ALA D 29 -2.94 4.16 -47.15
C ALA D 29 -2.76 4.95 -45.85
N HIS D 30 -3.37 4.47 -44.77
CA HIS D 30 -3.20 5.09 -43.46
C HIS D 30 -1.73 5.06 -43.02
N PHE D 31 -1.09 3.91 -43.22
CA PHE D 31 0.33 3.72 -42.89
C PHE D 31 1.21 4.71 -43.66
N ARG D 32 0.97 4.77 -44.97
CA ARG D 32 1.69 5.69 -45.84
C ARG D 32 1.59 7.13 -45.36
N GLU D 33 0.39 7.55 -44.98
CA GLU D 33 0.16 8.92 -44.55
C GLU D 33 0.92 9.25 -43.27
N ILE D 34 0.86 8.35 -42.29
CA ILE D 34 1.53 8.61 -41.03
C ILE D 34 3.04 8.65 -41.22
N THR D 35 3.57 7.72 -42.01
CA THR D 35 5.03 7.55 -42.04
C THR D 35 5.76 8.38 -43.10
N MET D 36 5.06 8.83 -44.14
CA MET D 36 5.72 9.55 -45.25
C MET D 36 6.60 10.69 -44.75
N GLY D 37 7.81 10.78 -45.31
CA GLY D 37 8.72 11.86 -44.97
C GLY D 37 9.43 11.73 -43.64
N HIS D 38 9.36 10.56 -43.04
CA HIS D 38 9.93 10.36 -41.73
C HIS D 38 10.90 9.19 -41.71
N THR D 39 11.62 9.07 -40.61
CA THR D 39 12.45 7.91 -40.38
C THR D 39 11.55 6.76 -39.94
N ILE D 40 11.71 5.60 -40.59
CA ILE D 40 11.03 4.40 -40.13
C ILE D 40 12.07 3.37 -39.69
N VAL D 41 11.76 2.66 -38.61
CA VAL D 41 12.65 1.61 -38.11
C VAL D 41 11.97 0.25 -38.12
N MET D 42 12.66 -0.78 -38.60
CA MET D 42 12.07 -2.10 -38.65
C MET D 42 13.11 -3.15 -38.32
N GLY D 43 12.66 -4.29 -37.83
CA GLY D 43 13.54 -5.43 -37.71
C GLY D 43 13.88 -6.04 -39.05
N ARG D 44 14.97 -6.81 -39.08
CA ARG D 44 15.46 -7.40 -40.32
C ARG D 44 14.43 -8.31 -40.99
N ARG D 45 13.60 -9.01 -40.23
CA ARG D 45 12.64 -9.91 -40.88
C ARG D 45 11.48 -9.10 -41.50
N THR D 46 11.19 -7.95 -40.94
CA THR D 46 10.18 -7.09 -41.56
C THR D 46 10.71 -6.55 -42.90
N TRP D 47 11.97 -6.16 -42.93
CA TRP D 47 12.64 -5.77 -44.17
C TRP D 47 12.54 -6.85 -45.25
N ASP D 48 12.84 -8.10 -44.89
CA ASP D 48 12.74 -9.21 -45.84
C ASP D 48 11.31 -9.38 -46.35
N SER D 49 10.34 -9.09 -45.49
CA SER D 49 8.93 -9.22 -45.81
C SER D 49 8.40 -8.16 -46.77
N LEU D 50 9.07 -7.02 -46.88
CA LEU D 50 8.55 -5.96 -47.75
C LEU D 50 8.50 -6.50 -49.18
N PRO D 51 7.37 -6.28 -49.89
CA PRO D 51 7.37 -6.55 -51.32
C PRO D 51 8.57 -5.88 -51.98
N ALA D 52 9.27 -6.60 -52.83
CA ALA D 52 10.46 -6.07 -53.50
C ALA D 52 10.22 -4.71 -54.15
N LYS D 53 9.00 -4.48 -54.62
CA LYS D 53 8.61 -3.24 -55.29
C LYS D 53 8.84 -2.01 -54.39
N VAL D 54 8.64 -2.19 -53.08
CA VAL D 54 8.75 -1.09 -52.13
C VAL D 54 9.78 -1.39 -51.04
N ARG D 55 10.91 -1.97 -51.45
CA ARG D 55 12.01 -2.27 -50.55
C ARG D 55 13.28 -1.59 -51.05
N PRO D 56 13.64 -0.42 -50.49
CA PRO D 56 13.11 0.28 -49.30
C PRO D 56 11.83 1.06 -49.57
N LEU D 57 11.08 1.36 -48.51
CA LEU D 57 9.88 2.17 -48.65
C LEU D 57 10.24 3.59 -49.14
N PRO D 58 9.69 3.99 -50.31
CA PRO D 58 10.05 5.32 -50.85
C PRO D 58 9.62 6.49 -49.99
N GLY D 59 10.40 7.55 -50.00
CA GLY D 59 10.07 8.78 -49.31
C GLY D 59 10.24 8.71 -47.80
N ARG D 60 10.81 7.61 -47.33
CA ARG D 60 11.10 7.46 -45.91
C ARG D 60 12.55 7.03 -45.72
N ARG D 61 13.17 7.47 -44.63
CA ARG D 61 14.50 7.00 -44.31
C ARG D 61 14.36 5.64 -43.65
N ASN D 62 14.71 4.59 -44.40
CA ASN D 62 14.54 3.21 -43.96
C ASN D 62 15.70 2.77 -43.06
N VAL D 63 15.40 2.39 -41.82
CA VAL D 63 16.43 1.95 -40.89
C VAL D 63 16.12 0.52 -40.47
N VAL D 64 17.10 -0.37 -40.62
CA VAL D 64 16.87 -1.78 -40.38
C VAL D 64 17.77 -2.28 -39.25
N LEU D 65 17.17 -2.93 -38.27
CA LEU D 65 17.88 -3.53 -37.15
C LEU D 65 18.34 -4.95 -37.47
N SER D 66 19.62 -5.21 -37.27
CA SER D 66 20.13 -6.58 -37.36
C SER D 66 21.32 -6.74 -36.42
N ARG D 67 21.52 -7.92 -35.86
CA ARG D 67 22.76 -8.09 -35.09
C ARG D 67 23.71 -8.96 -35.88
N GLN D 68 23.35 -9.17 -37.13
CA GLN D 68 24.28 -9.63 -38.13
C GLN D 68 24.97 -8.38 -38.67
N ALA D 69 26.19 -8.14 -38.20
CA ALA D 69 26.86 -6.87 -38.41
C ALA D 69 27.09 -6.50 -39.87
N ASP D 70 27.28 -7.51 -40.72
CA ASP D 70 27.58 -7.25 -42.13
C ASP D 70 26.35 -7.36 -43.03
N PHE D 71 25.16 -7.36 -42.43
CA PHE D 71 23.92 -7.54 -43.20
C PHE D 71 23.72 -6.44 -44.22
N MET D 72 23.32 -6.84 -45.43
CA MET D 72 23.18 -5.89 -46.52
C MET D 72 21.72 -5.59 -46.84
N ALA D 73 21.36 -4.31 -46.73
CA ALA D 73 20.02 -3.84 -47.02
C ALA D 73 20.11 -2.63 -47.96
N SER D 74 20.08 -2.91 -49.26
CA SER D 74 20.34 -1.87 -50.25
C SER D 74 19.25 -0.79 -50.19
N GLY D 75 19.67 0.45 -49.95
CA GLY D 75 18.73 1.56 -49.88
C GLY D 75 18.25 1.84 -48.47
N ALA D 76 18.73 1.06 -47.51
CA ALA D 76 18.39 1.33 -46.11
C ALA D 76 19.64 1.48 -45.25
N GLU D 77 19.45 2.02 -44.05
CA GLU D 77 20.53 2.11 -43.08
C GLU D 77 20.46 0.90 -42.14
N VAL D 78 21.49 0.05 -42.15
CA VAL D 78 21.58 -1.07 -41.20
C VAL D 78 22.30 -0.63 -39.92
N VAL D 79 21.69 -0.89 -38.77
CA VAL D 79 22.33 -0.60 -37.47
C VAL D 79 22.21 -1.83 -36.59
N GLY D 80 23.05 -1.93 -35.57
CA GLY D 80 23.11 -3.13 -34.75
C GLY D 80 22.52 -2.98 -33.37
N SER D 81 22.00 -1.81 -33.05
CA SER D 81 21.43 -1.59 -31.73
C SER D 81 20.29 -0.60 -31.78
N LEU D 82 19.43 -0.69 -30.78
CA LEU D 82 18.25 0.16 -30.65
C LEU D 82 18.63 1.63 -30.49
N GLU D 83 19.66 1.89 -29.70
CA GLU D 83 20.06 3.28 -29.51
C GLU D 83 20.58 3.86 -30.84
N GLU D 84 21.19 3.03 -31.67
CA GLU D 84 21.62 3.51 -32.98
C GLU D 84 20.44 3.84 -33.89
N ALA D 85 19.31 3.17 -33.66
CA ALA D 85 18.16 3.25 -34.55
C ALA D 85 17.14 4.34 -34.20
N LEU D 86 17.09 4.74 -32.94
CA LEU D 86 15.98 5.55 -32.47
C LEU D 86 16.37 6.99 -32.21
N THR D 87 17.25 7.54 -33.02
CA THR D 87 17.78 8.88 -32.79
C THR D 87 17.12 10.01 -33.58
N SER D 88 16.30 9.70 -34.60
CA SER D 88 15.58 10.77 -35.30
C SER D 88 14.43 11.26 -34.41
N PRO D 89 14.21 12.57 -34.36
CA PRO D 89 13.18 13.20 -33.51
C PRO D 89 11.73 12.79 -33.83
N GLU D 90 11.44 12.46 -35.09
CA GLU D 90 10.20 11.76 -35.36
C GLU D 90 10.53 10.39 -35.96
N THR D 91 10.35 9.35 -35.16
CA THR D 91 10.67 8.01 -35.61
C THR D 91 9.46 7.12 -35.52
N TRP D 92 9.16 6.43 -36.61
CA TRP D 92 8.06 5.44 -36.57
C TRP D 92 8.61 4.04 -36.67
N VAL D 93 8.36 3.24 -35.63
CA VAL D 93 8.74 1.83 -35.63
C VAL D 93 7.60 1.05 -36.30
N ILE D 94 7.91 0.31 -37.37
CA ILE D 94 6.87 -0.19 -38.26
C ILE D 94 6.93 -1.69 -38.30
N GLY D 95 7.91 -2.23 -37.62
CA GLY D 95 8.38 -3.46 -38.18
C GLY D 95 8.95 -4.36 -37.19
N GLY D 96 8.08 -5.31 -36.82
CA GLY D 96 8.35 -6.61 -36.26
C GLY D 96 7.78 -6.82 -34.87
N GLY D 97 7.22 -8.00 -34.59
CA GLY D 97 6.78 -8.32 -33.25
C GLY D 97 7.91 -8.10 -32.25
N GLN D 98 9.08 -8.60 -32.60
CA GLN D 98 10.23 -8.44 -31.74
C GLN D 98 10.61 -6.97 -31.52
N VAL D 99 10.68 -6.22 -32.62
CA VAL D 99 11.18 -4.85 -32.49
C VAL D 99 10.13 -3.96 -31.81
N TYR D 100 8.85 -4.26 -32.00
CA TYR D 100 7.79 -3.55 -31.26
C TYR D 100 8.01 -3.71 -29.76
N ALA D 101 8.24 -4.95 -29.35
CA ALA D 101 8.37 -5.24 -27.94
C ALA D 101 9.60 -4.54 -27.36
N LEU D 102 10.68 -4.51 -28.12
CA LEU D 102 11.91 -3.91 -27.63
C LEU D 102 11.89 -2.37 -27.67
N ALA D 103 11.11 -1.79 -28.58
CA ALA D 103 11.09 -0.35 -28.76
C ALA D 103 10.00 0.34 -27.93
N LEU D 104 8.99 -0.43 -27.55
CA LEU D 104 7.83 0.12 -26.84
C LEU D 104 8.18 1.05 -25.64
N PRO D 105 9.19 0.70 -24.82
CA PRO D 105 9.55 1.59 -23.70
C PRO D 105 10.00 2.98 -24.14
N TYR D 106 10.47 3.11 -25.38
CA TYR D 106 10.95 4.39 -25.89
C TYR D 106 9.82 5.21 -26.48
N ALA D 107 8.65 4.60 -26.61
CA ALA D 107 7.58 5.17 -27.42
C ALA D 107 6.55 5.94 -26.60
N THR D 108 6.02 7.00 -27.20
CA THR D 108 4.99 7.83 -26.58
C THR D 108 3.74 7.94 -27.46
N ARG D 109 3.79 7.32 -28.64
CA ARG D 109 2.62 7.21 -29.51
C ARG D 109 2.46 5.78 -30.07
N CYS D 110 1.21 5.32 -30.15
CA CYS D 110 0.88 4.12 -30.91
C CYS D 110 -0.28 4.40 -31.84
N GLU D 111 -0.11 4.04 -33.09
CA GLU D 111 -1.19 4.14 -34.08
C GLU D 111 -1.56 2.73 -34.51
N VAL D 112 -2.74 2.29 -34.12
CA VAL D 112 -3.13 0.90 -34.29
C VAL D 112 -4.34 0.76 -35.21
N THR D 113 -4.27 -0.24 -36.07
CA THR D 113 -5.40 -0.67 -36.91
C THR D 113 -5.85 -2.02 -36.43
N GLU D 114 -7.12 -2.14 -36.01
CA GLU D 114 -7.63 -3.43 -35.63
C GLU D 114 -8.48 -4.02 -36.75
N VAL D 115 -8.20 -5.26 -37.10
CA VAL D 115 -8.93 -5.93 -38.18
C VAL D 115 -9.89 -6.95 -37.58
N ASP D 116 -11.18 -6.78 -37.85
CA ASP D 116 -12.18 -7.64 -37.19
C ASP D 116 -12.30 -8.93 -37.98
N ILE D 117 -11.32 -9.81 -37.79
CA ILE D 117 -11.40 -11.16 -38.33
C ILE D 117 -11.04 -12.19 -37.27
N GLY D 118 -11.67 -13.36 -37.36
CA GLY D 118 -11.32 -14.45 -36.47
C GLY D 118 -10.00 -15.06 -36.89
N LEU D 119 -8.98 -14.84 -36.08
CA LEU D 119 -7.64 -15.31 -36.43
C LEU D 119 -6.88 -15.71 -35.18
N PRO D 120 -7.25 -16.85 -34.58
CA PRO D 120 -6.65 -17.26 -33.31
C PRO D 120 -5.14 -17.43 -33.40
N ARG D 121 -4.45 -17.04 -32.33
CA ARG D 121 -3.01 -17.11 -32.31
C ARG D 121 -2.52 -18.54 -32.46
N GLU D 122 -1.44 -18.70 -33.20
CA GLU D 122 -0.74 -19.98 -33.31
C GLU D 122 0.70 -19.79 -32.82
N ALA D 123 1.31 -20.85 -32.33
CA ALA D 123 2.71 -20.78 -31.89
C ALA D 123 3.62 -20.26 -33.02
N GLY D 124 4.51 -19.33 -32.69
CA GLY D 124 5.43 -18.75 -33.66
C GLY D 124 4.92 -17.49 -34.35
N ASP D 125 3.64 -17.17 -34.14
CA ASP D 125 3.05 -15.94 -34.66
C ASP D 125 3.82 -14.70 -34.21
N ALA D 126 3.86 -13.66 -35.04
CA ALA D 126 4.32 -12.37 -34.53
C ALA D 126 3.10 -11.69 -33.93
N LEU D 127 3.28 -11.09 -32.76
CA LEU D 127 2.16 -10.51 -32.03
C LEU D 127 2.34 -9.03 -31.76
N ALA D 128 1.23 -8.31 -31.68
CA ALA D 128 1.26 -6.92 -31.26
C ALA D 128 1.57 -6.83 -29.75
N PRO D 129 2.29 -5.77 -29.36
CA PRO D 129 2.55 -5.51 -27.94
C PRO D 129 1.25 -5.20 -27.21
N VAL D 130 1.13 -5.55 -25.93
CA VAL D 130 -0.08 -5.22 -25.19
C VAL D 130 0.19 -3.93 -24.40
N LEU D 131 -0.71 -2.96 -24.54
CA LEU D 131 -0.53 -1.65 -23.92
C LEU D 131 -1.08 -1.62 -22.51
N ASP D 132 -0.30 -1.13 -21.56
CA ASP D 132 -0.75 -1.05 -20.17
C ASP D 132 -1.40 0.31 -19.85
N GLU D 133 -1.63 0.57 -18.56
CA GLU D 133 -2.37 1.78 -18.17
C GLU D 133 -1.55 3.08 -18.20
N THR D 134 -0.28 3.01 -18.59
CA THR D 134 0.49 4.25 -18.79
C THR D 134 -0.03 5.00 -20.01
N TRP D 135 -0.81 4.32 -20.85
CA TRP D 135 -1.31 4.90 -22.08
C TRP D 135 -2.73 5.44 -21.94
N ARG D 136 -3.02 6.51 -22.68
CA ARG D 136 -4.40 6.89 -22.97
C ARG D 136 -4.66 6.77 -24.48
N GLY D 137 -5.88 6.36 -24.83
CA GLY D 137 -6.20 6.15 -26.23
C GLY D 137 -7.56 6.70 -26.64
N GLU D 138 -7.71 6.90 -27.94
CA GLU D 138 -8.99 7.24 -28.53
C GLU D 138 -9.34 6.15 -29.53
N THR D 139 -10.59 5.72 -29.53
CA THR D 139 -11.02 4.64 -30.42
C THR D 139 -11.84 5.19 -31.59
N GLY D 140 -11.45 4.83 -32.82
CA GLY D 140 -12.17 5.29 -34.00
C GLY D 140 -13.43 4.48 -34.27
N GLU D 141 -14.25 4.96 -35.21
CA GLU D 141 -15.48 4.24 -35.58
C GLU D 141 -15.17 3.06 -36.47
N TRP D 142 -15.92 1.98 -36.28
CA TRP D 142 -15.80 0.79 -37.12
C TRP D 142 -16.19 1.14 -38.54
N ARG D 143 -15.48 0.59 -39.51
CA ARG D 143 -15.89 0.75 -40.90
C ARG D 143 -15.53 -0.49 -41.72
N PHE D 144 -16.05 -0.54 -42.94
CA PHE D 144 -15.79 -1.67 -43.82
C PHE D 144 -14.77 -1.33 -44.89
N SER D 145 -13.94 -2.33 -45.22
CA SER D 145 -12.89 -2.17 -46.22
C SER D 145 -13.46 -2.06 -47.64
N ARG D 146 -12.57 -1.82 -48.60
CA ARG D 146 -12.90 -1.75 -50.03
C ARG D 146 -13.82 -2.89 -50.46
N SER D 147 -13.66 -4.01 -49.76
CA SER D 147 -14.52 -5.16 -49.91
C SER D 147 -15.46 -5.29 -48.71
N GLY D 148 -14.98 -5.95 -47.65
CA GLY D 148 -15.83 -6.22 -46.49
C GLY D 148 -15.11 -6.53 -45.18
N LEU D 149 -13.84 -6.19 -45.08
CA LEU D 149 -13.14 -6.27 -43.80
C LEU D 149 -13.60 -5.15 -42.88
N ARG D 150 -14.08 -5.52 -41.70
CA ARG D 150 -14.45 -4.51 -40.72
C ARG D 150 -13.18 -4.14 -39.95
N TYR D 151 -12.90 -2.85 -39.87
CA TYR D 151 -11.67 -2.40 -39.24
C TYR D 151 -11.87 -1.08 -38.50
N ARG D 152 -11.01 -0.85 -37.52
CA ARG D 152 -11.07 0.34 -36.67
C ARG D 152 -9.69 0.93 -36.50
N LEU D 153 -9.61 2.23 -36.28
CA LEU D 153 -8.33 2.86 -35.92
C LEU D 153 -8.29 3.27 -34.45
N TYR D 154 -7.13 3.05 -33.83
CA TYR D 154 -6.85 3.52 -32.47
C TYR D 154 -5.68 4.49 -32.47
N SER D 155 -5.75 5.52 -31.62
CA SER D 155 -4.61 6.39 -31.40
C SER D 155 -4.28 6.44 -29.91
N TYR D 156 -3.08 6.01 -29.55
CA TYR D 156 -2.64 5.96 -28.16
C TYR D 156 -1.52 6.95 -27.90
N HIS D 157 -1.47 7.48 -26.69
CA HIS D 157 -0.40 8.42 -26.33
C HIS D 157 -0.09 8.38 -24.84
N ARG D 158 1.15 8.69 -24.53
CA ARG D 158 1.57 8.94 -23.16
C ARG D 158 2.66 9.99 -23.23
N SER D 159 2.94 10.65 -22.11
CA SER D 159 3.84 11.78 -22.16
C SER D 159 5.02 11.57 -21.25
PA NDP E . -21.21 -3.96 7.79
O1A NDP E . -22.50 -3.85 8.50
O2A NDP E . -20.24 -2.81 7.85
O5B NDP E . -20.39 -5.27 8.29
C5B NDP E . -21.05 -6.43 7.85
C4B NDP E . -20.20 -7.58 8.42
O4B NDP E . -20.18 -7.51 9.84
C3B NDP E . -20.72 -8.99 8.05
O3B NDP E . -20.30 -9.33 6.79
C2B NDP E . -19.94 -9.81 9.12
O2B NDP E . -18.63 -9.84 8.95
C1B NDP E . -20.12 -8.85 10.35
N9A NDP E . -21.31 -9.11 11.12
C8A NDP E . -22.61 -8.56 10.95
N7A NDP E . -23.50 -9.04 11.86
C5A NDP E . -22.74 -9.92 12.63
C6A NDP E . -23.07 -10.72 13.73
N6A NDP E . -24.36 -10.74 14.22
N1A NDP E . -22.13 -11.51 14.35
C2A NDP E . -20.88 -11.45 13.80
N3A NDP E . -20.41 -10.75 12.77
C4A NDP E . -21.39 -9.97 12.19
O3 NDP E . -21.49 -4.23 6.14
PN NDP E . -22.58 -3.30 5.37
O1N NDP E . -22.32 -3.58 3.95
O2N NDP E . -23.99 -3.30 5.89
O5D NDP E . -22.17 -1.64 5.52
C5D NDP E . -21.01 -1.36 4.82
C4D NDP E . -21.29 -0.07 4.01
O4D NDP E . -21.73 0.99 4.91
C3D NDP E . -20.01 0.45 3.27
O3D NDP E . -20.37 0.96 2.02
C2D NDP E . -19.55 1.59 4.15
O2D NDP E . -18.87 2.59 3.42
C1D NDP E . -20.95 2.16 4.60
N1N NDP E . -20.85 2.97 5.84
C2N NDP E . -21.48 4.21 5.92
C3N NDP E . -21.51 4.91 7.08
C7N NDP E . -22.21 6.21 7.10
O7N NDP E . -22.51 6.80 8.14
N7N NDP E . -22.59 6.79 5.90
C4N NDP E . -20.86 4.39 8.35
C5N NDP E . -20.14 3.11 8.13
C6N NDP E . -20.16 2.46 6.96
P2B NDP E . -17.94 -11.26 8.06
O1X NDP E . -18.50 -10.93 6.71
O2X NDP E . -16.44 -11.06 8.26
O3X NDP E . -18.59 -12.37 8.82
C4 U06 F . -20.44 7.48 10.84
C5 U06 F . -19.42 7.70 9.92
C6 U06 F . -19.29 8.97 9.35
N1 U06 F . -20.15 9.93 9.71
N3 U06 F . -21.27 8.49 11.16
CAA U06 F . -17.52 10.50 8.69
CAB U06 F . -18.29 9.20 8.40
C2 U06 F . -21.12 9.70 10.60
NAF U06 F . -21.94 10.70 10.93
NAI U06 F . -20.56 6.26 11.39
CAK U06 F . -18.48 6.67 9.51
CAL U06 F . -17.61 5.88 9.07
CAM U06 F . -16.52 5.07 8.46
CAN U06 F . -15.57 6.00 7.96
CAU U06 F . -14.88 6.86 8.80
CAO U06 F . -15.33 6.07 6.59
OAP U06 F . -16.04 5.20 5.80
CAQ U06 F . -15.59 5.14 4.44
CAR U06 F . -14.41 6.98 6.08
CAS U06 F . -13.71 7.84 6.94
CAT U06 F . -13.97 7.79 8.31
CAV U06 F . -13.28 8.59 9.22
CAW U06 F . -12.06 9.19 8.92
CAX U06 F . -11.37 9.93 9.90
CAY U06 F . -11.91 10.06 11.18
CBB U06 F . -11.27 10.77 12.20
OBD U06 F . -11.75 10.74 13.35
OBC U06 F . -10.20 11.37 12.00
CAZ U06 F . -13.12 9.46 11.47
CBA U06 F . -13.79 8.72 10.50
PA NDP G . 7.64 -10.45 21.32
O1A NDP G . 6.47 -9.54 21.30
O2A NDP G . 8.24 -10.90 22.63
O5B NDP G . 7.30 -11.81 20.48
C5B NDP G . 7.23 -11.49 19.07
C4B NDP G . 6.92 -12.86 18.38
O4B NDP G . 5.62 -13.34 18.72
C3B NDP G . 6.94 -12.83 16.84
O3B NDP G . 8.24 -12.79 16.38
C2B NDP G . 6.34 -14.25 16.57
O2B NDP G . 7.12 -15.24 16.93
C1B NDP G . 5.26 -14.32 17.70
N9A NDP G . 3.86 -14.18 17.23
C8A NDP G . 3.04 -15.20 16.63
N7A NDP G . 1.81 -14.79 16.32
C5A NDP G . 1.82 -13.44 16.73
C6A NDP G . 0.85 -12.45 16.69
N6A NDP G . -0.40 -12.69 16.17
N1A NDP G . 1.11 -11.20 17.15
C2A NDP G . 2.37 -11.00 17.67
N3A NDP G . 3.41 -11.82 17.80
C4A NDP G . 3.10 -13.07 17.30
O3 NDP G . 8.90 -9.74 20.46
PN NDP G . 9.37 -8.26 20.90
O1N NDP G . 10.75 -8.15 20.39
O2N NDP G . 8.34 -7.18 20.65
O5D NDP G . 9.58 -8.12 22.64
C5D NDP G . 10.80 -8.71 22.99
C4D NDP G . 11.53 -7.75 23.90
O4D NDP G . 10.62 -7.31 24.96
C3D NDP G . 12.76 -8.45 24.61
O3D NDP G . 13.85 -7.57 24.63
C2D NDP G . 12.23 -8.63 26.02
O2D NDP G . 13.23 -8.64 27.00
C1D NDP G . 11.38 -7.32 26.16
N1N NDP G . 10.48 -7.47 27.27
C2N NDP G . 10.27 -6.46 28.20
C3N NDP G . 9.32 -6.58 29.17
C7N NDP G . 9.16 -5.51 30.14
O7N NDP G . 8.14 -5.37 30.84
N7N NDP G . 10.20 -4.62 30.31
C4N NDP G . 8.49 -7.77 29.28
C5N NDP G . 8.97 -8.85 28.39
C6N NDP G . 9.85 -8.67 27.42
P2B NDP G . 7.77 -16.25 15.64
O1X NDP G . 8.83 -15.29 15.25
O2X NDP G . 8.18 -17.52 16.38
O3X NDP G . 6.54 -16.32 14.79
C4 U06 H . 6.43 -7.66 32.78
C5 U06 H . 7.72 -8.15 33.05
C6 U06 H . 8.44 -7.62 34.13
N1 U06 H . 7.88 -6.66 34.85
N3 U06 H . 5.92 -6.69 33.57
CAA U06 H . 9.77 -8.79 35.77
CAB U06 H . 9.72 -8.09 34.41
C2 U06 H . 6.66 -6.20 34.60
NAF U06 H . 6.18 -5.25 35.40
NAI U06 H . 5.74 -8.16 31.73
CAK U06 H . 8.37 -9.18 32.29
CAL U06 H . 8.96 -10.04 31.70
CAM U06 H . 9.70 -11.09 30.96
CAN U06 H . 10.86 -11.35 31.68
CAU U06 H . 10.81 -11.92 32.95
CAO U06 H . 12.08 -10.99 31.12
OAP U06 H . 12.06 -10.44 29.88
CAQ U06 H . 13.43 -10.31 29.46
CAR U06 H . 13.27 -11.21 31.78
CAS U06 H . 13.23 -11.77 33.03
CAT U06 H . 12.02 -12.12 33.62
CAV U06 H . 12.18 -12.69 34.86
CAW U06 H . 13.46 -13.20 35.04
CAX U06 H . 13.83 -13.83 36.20
CAY U06 H . 12.89 -13.97 37.21
CBB U06 H . 13.32 -14.61 38.36
OBD U06 H . 12.67 -14.52 39.42
OBC U06 H . 14.37 -15.29 38.32
CAZ U06 H . 11.60 -13.47 37.03
CBA U06 H . 11.22 -12.82 35.85
PA NDP I . 21.83 3.35 -8.39
O1A NDP I . 21.67 4.76 -7.96
O2A NDP I . 20.72 2.32 -8.24
O5B NDP I . 22.31 3.34 -9.92
C5B NDP I . 23.57 3.91 -9.92
C4B NDP I . 24.04 3.89 -11.37
O4B NDP I . 23.18 4.70 -12.16
C3B NDP I . 25.49 4.41 -11.43
O3B NDP I . 26.40 3.39 -11.71
C2B NDP I . 25.51 5.38 -12.61
O2B NDP I . 26.31 5.02 -13.61
C1B NDP I . 23.99 5.44 -13.08
N9A NDP I . 23.63 6.81 -12.96
C8A NDP I . 23.31 7.50 -11.77
N7A NDP I . 23.06 8.81 -11.97
C5A NDP I . 23.23 8.97 -13.36
C6A NDP I . 23.11 10.09 -14.18
N6A NDP I . 22.75 11.29 -13.61
N1A NDP I . 23.34 10.01 -15.55
C2A NDP I . 23.68 8.75 -16.00
N3A NDP I . 23.84 7.58 -15.35
C4A NDP I . 23.61 7.73 -13.98
O3 NDP I . 23.18 2.74 -7.58
PN NDP I . 23.20 2.79 -5.97
O1N NDP I . 24.15 1.72 -5.63
O2N NDP I . 23.36 4.15 -5.36
O5D NDP I . 21.74 2.23 -5.22
C5D NDP I . 21.59 0.83 -5.41
C4D NDP I . 21.17 0.22 -4.06
O4D NDP I . 19.93 0.84 -3.60
C3D NDP I . 20.87 -1.33 -4.15
O3D NDP I . 21.32 -1.96 -3.00
C2D NDP I . 19.36 -1.38 -4.16
O2D NDP I . 18.85 -2.58 -3.64
C1D NDP I . 19.05 -0.23 -3.16
N1N NDP I . 17.67 0.23 -3.33
C2N NDP I . 16.84 0.44 -2.24
C3N NDP I . 15.62 1.04 -2.41
C7N NDP I . 14.78 1.24 -1.26
O7N NDP I . 13.75 1.94 -1.28
N7N NDP I . 15.14 0.61 -0.08
C4N NDP I . 15.12 1.50 -3.76
C5N NDP I . 16.00 1.07 -4.87
C6N NDP I . 17.19 0.47 -4.64
P2B NDP I . 28.10 5.57 -13.38
O1X NDP I . 28.45 4.62 -12.26
O2X NDP I . 28.64 5.26 -14.78
O3X NDP I . 27.93 7.02 -13.01
C4 U06 J . 11.16 1.94 -3.36
C5 U06 J . 11.32 0.55 -3.39
C6 U06 J . 10.67 -0.21 -2.42
N1 U06 J . 9.92 0.40 -1.50
N3 U06 J . 10.39 2.51 -2.42
CAA U06 J . 9.49 -2.35 -2.63
CAB U06 J . 10.82 -1.61 -2.41
C2 U06 J . 9.77 1.74 -1.52
NAF U06 J . 9.00 2.31 -0.59
NAI U06 J . 11.77 2.68 -4.29
CAK U06 J . 12.13 -0.18 -4.35
CAL U06 J . 12.75 -0.89 -5.09
CAM U06 J . 13.45 -1.91 -5.88
CAN U06 J . 12.80 -3.15 -5.70
CAU U06 J . 11.48 -3.36 -6.09
CAO U06 J . 13.50 -4.21 -5.11
OAP U06 J . 14.78 -3.93 -4.76
CAQ U06 J . 15.54 -5.10 -4.43
CAR U06 J . 12.90 -5.45 -4.91
CAS U06 J . 11.57 -5.66 -5.31
CAT U06 J . 10.85 -4.61 -5.87
CAV U06 J . 9.54 -4.77 -6.30
CAW U06 J . 9.01 -6.03 -6.61
CAX U06 J . 7.70 -6.14 -7.08
CAY U06 J . 6.90 -5.00 -7.23
CBB U06 J . 5.59 -5.06 -7.71
OBD U06 J . 4.97 -4.01 -7.95
OBC U06 J . 5.05 -6.16 -7.95
CAZ U06 J . 7.44 -3.75 -6.93
CBA U06 J . 8.75 -3.64 -6.48
PA NDP K . 11.46 -8.80 -36.45
O1A NDP K . 11.70 -10.00 -35.57
O2A NDP K . 10.96 -7.60 -35.74
O5B NDP K . 12.90 -8.61 -37.11
C5B NDP K . 13.74 -9.24 -36.12
C4B NDP K . 15.21 -9.01 -36.38
O4B NDP K . 15.67 -7.77 -35.79
C3B NDP K . 16.02 -10.12 -35.67
O3B NDP K . 15.99 -11.37 -36.32
C2B NDP K . 17.38 -9.47 -35.83
O2B NDP K . 17.76 -9.33 -37.07
C1B NDP K . 17.01 -8.05 -35.25
N9A NDP K . 17.08 -8.23 -33.75
C8A NDP K . 17.12 -9.47 -33.04
N7A NDP K . 17.23 -9.35 -31.71
C5A NDP K . 17.29 -7.96 -31.51
C6A NDP K . 17.40 -7.21 -30.33
N6A NDP K . 17.47 -7.88 -29.12
N1A NDP K . 17.46 -5.85 -30.37
C2A NDP K . 17.38 -5.32 -31.63
N3A NDP K . 17.26 -5.90 -32.84
C4A NDP K . 17.22 -7.24 -32.77
O3 NDP K . 10.35 -9.60 -37.31
PN NDP K . 9.48 -10.57 -36.36
O1N NDP K . 9.58 -11.98 -36.79
O2N NDP K . 9.24 -10.31 -34.89
O5D NDP K . 7.91 -10.11 -36.94
C5D NDP K . 7.97 -10.13 -38.34
C4D NDP K . 6.57 -10.47 -38.80
O4D NDP K . 5.74 -9.34 -38.51
C3D NDP K . 6.51 -10.71 -40.34
O3D NDP K . 5.67 -11.78 -40.56
C2D NDP K . 5.86 -9.45 -40.87
O2D NDP K . 5.03 -9.70 -41.99
C1D NDP K . 4.96 -9.04 -39.66
N1N NDP K . 4.67 -7.60 -39.66
C2N NDP K . 3.38 -7.15 -39.45
C3N NDP K . 3.10 -5.81 -39.32
C7N NDP K . 1.71 -5.38 -39.10
O7N NDP K . 1.40 -4.22 -38.78
N7N NDP K . 0.68 -6.28 -39.24
C4N NDP K . 4.18 -4.78 -39.39
C5N NDP K . 5.51 -5.36 -39.73
C6N NDP K . 5.73 -6.67 -39.85
P2B NDP K . 18.96 -10.60 -37.50
O1X NDP K . 18.04 -11.78 -37.40
O2X NDP K . 19.41 -10.18 -38.92
O3X NDP K . 19.92 -10.37 -36.38
C4 U06 L . 2.40 -1.24 -40.12
C5 U06 L . 2.33 -1.90 -41.35
C6 U06 L . 1.10 -1.93 -42.01
N1 U06 L . 0.05 -1.33 -41.45
N3 U06 L . 1.32 -0.63 -39.61
CAA U06 L . 0.44 -1.66 -44.33
CAB U06 L . 0.97 -2.60 -43.23
C2 U06 L . 0.15 -0.68 -40.28
NAF U06 L . -0.92 -0.07 -39.77
NAI U06 L . 3.59 -1.22 -39.49
CAK U06 L . 3.43 -2.58 -41.99
CAL U06 L . 4.26 -3.16 -42.61
CAM U06 L . 5.17 -3.90 -43.47
CAN U06 L . 4.69 -3.85 -44.81
CAU U06 L . 4.53 -2.64 -45.49
CAO U06 L . 4.37 -5.04 -45.46
OAP U06 L . 4.52 -6.18 -44.74
CAQ U06 L . 4.61 -7.35 -45.57
CAR U06 L . 3.89 -5.04 -46.77
CAS U06 L . 3.74 -3.82 -47.44
CAT U06 L . 4.07 -2.63 -46.80
CAV U06 L . 3.92 -1.42 -47.50
CAW U06 L . 3.56 -1.39 -48.85
CAX U06 L . 3.42 -0.17 -49.52
CAY U06 L . 3.64 1.02 -48.84
CBB U06 L . 3.52 2.26 -49.44
OBD U06 L . 3.73 3.29 -48.75
OBC U06 L . 3.22 2.38 -50.66
CAZ U06 L . 3.98 0.99 -47.50
CBA U06 L . 4.13 -0.22 -46.83
#